data_6TN1
#
_entry.id   6TN1
#
_cell.length_a   44.451
_cell.length_b   46.176
_cell.length_c   64.209
_cell.angle_alpha   86.040
_cell.angle_beta   75.191
_cell.angle_gamma   82.782
#
_symmetry.space_group_name_H-M   'P 1'
#
loop_
_entity.id
_entity.type
_entity.pdbx_description
1 polymer 'Lysosomal acid glucosylceramidase'
2 branched beta-D-mannopyranose-(1-4)-2-acetamido-2-deoxy-beta-D-glucopyranose-(1-4)-2-acetamido-2-deoxy-beta-D-glucopyranose
3 non-polymer GLUTAMINE
4 non-polymer 2-acetamido-2-deoxy-beta-D-glucopyranose
5 non-polymer 1,2-ETHANEDIOL
6 non-polymer 'FORMIC ACID'
7 non-polymer 'MAGNESIUM ION'
8 water water
#
_entity_poly.entity_id   1
_entity_poly.type   'polypeptide(L)'
_entity_poly.pdbx_seq_one_letter_code
;ARPCIPKSFGYSSVVCVCNATYCDSFDPPTFPALGTFSRYESTRSGRRMELSMGPIQANHTGTGLLLTLQPEQKFQKVKG
FGGAMTDAAALNILALSPPAQNLLLKSYFSEEGIGYNIIRVPMASCDFSIRTYTYADTPDDFQLHNFSLPEEDTKLKIPL
IHRALQLAQRPVSLLASPWTSPTWLKTNGAVNGKGSLKGQPGDIYHQTWARYFVKFLDAYAEHKLQFWAVTAENEPSAGL
LSGYPFQCLGFTPEHQRDFIARDLGPTLANSTHHNVRLLMLDDQRLLLPHWAKVVLTDPEAAKYVHGIAVHWYLDFLAPA
KATLGETHRLFPNTMLFASEACVGSKFWEQSVRLGSWDRGMQYSHSIITNLLYHVVGWTDWNLALNPEGGPNWVRNFVDS
PIIVDITKDTFYKQPMFYHLGHFSKFIPEGSQRVGLVASQKNDLDAVALMHPDGSAVVVVLNRSSKDVPLTIKDPAVGFL
ETISPGYSIHTYLWRRQ
;
_entity_poly.pdbx_strand_id   AAA
#
loop_
_chem_comp.id
_chem_comp.type
_chem_comp.name
_chem_comp.formula
BMA D-saccharide, beta linking beta-D-mannopyranose 'C6 H12 O6'
EDO non-polymer 1,2-ETHANEDIOL 'C2 H6 O2'
FMT non-polymer 'FORMIC ACID' 'C H2 O2'
MG non-polymer 'MAGNESIUM ION' 'Mg 2'
NAG D-saccharide, beta linking 2-acetamido-2-deoxy-beta-D-glucopyranose 'C8 H15 N O6'
#
# COMPACT_ATOMS: atom_id res chain seq x y z
N ALA A 1 -18.55 -9.74 13.22
N ALA A 1 -21.44 -9.36 12.66
CA ALA A 1 -19.92 -9.90 12.64
CA ALA A 1 -20.04 -9.77 12.34
C ALA A 1 -20.10 -11.32 12.10
C ALA A 1 -19.96 -11.30 12.23
N ARG A 2 -19.15 -11.80 11.28
CA ARG A 2 -19.05 -13.24 10.96
C ARG A 2 -17.59 -13.63 11.19
N PRO A 3 -17.33 -14.72 11.95
CA PRO A 3 -15.96 -15.10 12.28
C PRO A 3 -15.20 -15.75 11.12
N CYS A 4 -13.88 -15.69 11.23
CA CYS A 4 -12.96 -16.46 10.38
C CYS A 4 -13.35 -17.94 10.38
N ILE A 5 -13.38 -18.56 9.20
CA ILE A 5 -13.37 -20.03 9.05
C ILE A 5 -11.93 -20.42 8.82
N PRO A 6 -11.22 -20.93 9.83
CA PRO A 6 -9.79 -21.12 9.69
C PRO A 6 -9.43 -22.38 8.90
N LYS A 7 -8.33 -22.30 8.16
N LYS A 7 -8.32 -22.29 8.19
CA LYS A 7 -7.76 -23.50 7.52
CA LYS A 7 -7.74 -23.48 7.53
C LYS A 7 -6.24 -23.39 7.52
C LYS A 7 -6.22 -23.37 7.54
N SER A 8 -5.58 -24.45 7.95
CA SER A 8 -4.11 -24.59 7.91
C SER A 8 -3.70 -25.36 6.68
N PHE A 9 -2.58 -24.92 6.12
CA PHE A 9 -1.89 -25.63 5.02
C PHE A 9 -0.47 -25.99 5.45
N GLY A 10 -0.19 -26.04 6.74
CA GLY A 10 1.10 -26.51 7.26
C GLY A 10 2.07 -25.41 7.62
N TYR A 11 1.73 -24.14 7.32
CA TYR A 11 2.56 -23.02 7.80
C TYR A 11 2.13 -22.68 9.22
N SER A 12 2.68 -21.62 9.80
CA SER A 12 2.60 -21.43 11.26
C SER A 12 1.21 -20.97 11.69
N SER A 13 0.39 -20.49 10.78
CA SER A 13 -0.97 -20.03 11.13
C SER A 13 -1.97 -20.47 10.06
N VAL A 14 -3.13 -19.86 10.10
CA VAL A 14 -4.29 -20.22 9.27
C VAL A 14 -4.60 -19.09 8.30
N VAL A 15 -5.25 -19.47 7.21
CA VAL A 15 -6.02 -18.53 6.38
C VAL A 15 -7.46 -18.55 6.86
N CYS A 16 -8.21 -17.54 6.45
CA CYS A 16 -9.66 -17.52 6.62
C CYS A 16 -10.28 -17.83 5.27
N VAL A 17 -11.19 -18.79 5.29
CA VAL A 17 -11.79 -19.32 4.04
C VAL A 17 -13.10 -18.61 3.75
N CYS A 18 -13.21 -18.07 2.55
CA CYS A 18 -14.43 -17.41 2.05
C CYS A 18 -14.87 -18.06 0.75
N ASN A 19 -16.16 -17.93 0.47
CA ASN A 19 -16.74 -18.56 -0.73
C ASN A 19 -17.94 -17.73 -1.16
N ALA A 20 -18.83 -18.30 -1.96
CA ALA A 20 -19.93 -17.50 -2.55
C ALA A 20 -20.95 -17.11 -1.48
N THR A 21 -21.04 -17.85 -0.38
CA THR A 21 -22.12 -17.63 0.61
C THR A 21 -21.58 -17.19 1.97
N TYR A 22 -20.28 -17.12 2.17
CA TYR A 22 -19.73 -16.82 3.51
C TYR A 22 -18.38 -16.13 3.38
N CYS A 23 -18.21 -15.07 4.14
CA CYS A 23 -16.88 -14.49 4.41
C CYS A 23 -16.93 -13.82 5.77
N ASP A 24 -15.81 -13.86 6.45
CA ASP A 24 -15.67 -13.17 7.75
C ASP A 24 -15.78 -11.67 7.54
N SER A 25 -16.36 -11.01 8.52
CA SER A 25 -16.66 -9.57 8.42
C SER A 25 -16.69 -8.93 9.79
N PHE A 26 -16.85 -7.59 9.81
CA PHE A 26 -17.13 -6.73 11.01
C PHE A 26 -18.56 -6.17 11.02
N PRO A 28 -17.87 -1.88 11.71
CA PRO A 28 -17.12 -0.61 11.72
C PRO A 28 -16.46 -0.42 13.09
N PRO A 29 -15.35 0.35 13.14
CA PRO A 29 -14.60 0.51 14.38
C PRO A 29 -15.55 0.95 15.51
N THR A 30 -15.33 0.40 16.69
CA THR A 30 -16.16 0.65 17.90
C THR A 30 -15.41 1.63 18.79
N PHE A 31 -15.91 2.87 18.93
CA PHE A 31 -15.45 3.78 20.02
C PHE A 31 -16.42 3.69 21.18
N PRO A 32 -16.03 2.94 22.23
CA PRO A 32 -16.87 2.83 23.42
C PRO A 32 -16.90 4.16 24.18
N ALA A 33 -17.69 4.19 25.24
CA ALA A 33 -17.83 5.39 26.09
C ALA A 33 -16.45 5.83 26.59
N LEU A 34 -16.32 7.12 26.81
CA LEU A 34 -15.13 7.69 27.48
C LEU A 34 -14.84 6.89 28.75
N GLY A 35 -13.57 6.52 28.95
CA GLY A 35 -13.15 5.71 30.10
C GLY A 35 -13.03 4.23 29.78
N THR A 36 -13.40 3.85 28.54
N THR A 36 -13.35 3.83 28.55
CA THR A 36 -13.29 2.46 28.01
CA THR A 36 -13.24 2.42 28.10
C THR A 36 -12.42 2.51 26.76
C THR A 36 -12.60 2.39 26.71
N PHE A 37 -11.71 1.44 26.50
CA PHE A 37 -10.99 1.26 25.23
C PHE A 37 -11.51 0.02 24.53
N SER A 38 -11.33 -0.03 23.21
N SER A 38 -11.28 0.00 23.21
CA SER A 38 -11.53 -1.26 22.41
CA SER A 38 -11.44 -1.19 22.35
C SER A 38 -10.17 -1.75 21.92
C SER A 38 -10.05 -1.76 22.03
N ARG A 39 -10.01 -3.08 21.97
CA ARG A 39 -8.82 -3.82 21.52
C ARG A 39 -9.27 -4.78 20.43
N TYR A 40 -8.58 -4.74 19.30
CA TYR A 40 -8.73 -5.75 18.24
C TYR A 40 -7.45 -6.57 18.23
N GLU A 41 -7.58 -7.88 18.34
CA GLU A 41 -6.42 -8.79 18.48
C GLU A 41 -6.41 -9.83 17.37
N SER A 42 -5.26 -10.00 16.75
CA SER A 42 -4.99 -11.14 15.88
C SER A 42 -3.78 -11.88 16.43
N THR A 43 -3.81 -13.20 16.33
CA THR A 43 -2.75 -14.05 16.87
C THR A 43 -2.36 -15.14 15.88
N ARG A 44 -1.13 -15.60 16.00
CA ARG A 44 -0.70 -16.77 15.24
C ARG A 44 -1.60 -17.97 15.55
N SER A 45 -2.07 -18.08 16.78
CA SER A 45 -2.94 -19.20 17.22
C SER A 45 -4.29 -19.18 16.50
N GLY A 46 -4.70 -18.06 15.90
CA GLY A 46 -5.89 -18.04 15.03
C GLY A 46 -6.86 -16.93 15.30
N ARG A 47 -6.66 -16.09 16.31
CA ARG A 47 -7.60 -14.97 16.50
C ARG A 47 -7.45 -14.01 15.32
N ARG A 48 -8.56 -13.47 14.84
CA ARG A 48 -8.55 -12.57 13.66
C ARG A 48 -9.36 -11.33 13.97
N MET A 49 -8.66 -10.28 14.36
N MET A 49 -8.61 -10.25 14.22
CA MET A 49 -9.23 -8.95 14.76
CA MET A 49 -9.10 -8.89 14.51
C MET A 49 -10.40 -9.17 15.71
C MET A 49 -10.34 -9.01 15.39
N GLU A 50 -10.19 -9.97 16.76
N GLU A 50 -10.17 -9.74 16.50
CA GLU A 50 -11.23 -10.20 17.77
CA GLU A 50 -11.20 -10.05 17.54
C GLU A 50 -11.34 -8.95 18.64
C GLU A 50 -11.35 -8.85 18.47
N LEU A 51 -12.58 -8.46 18.79
CA LEU A 51 -12.86 -7.24 19.57
C LEU A 51 -13.05 -7.61 21.04
N SER A 52 -12.37 -6.89 21.93
CA SER A 52 -12.63 -6.88 23.38
C SER A 52 -12.58 -5.43 23.84
N MET A 53 -13.00 -5.21 25.08
N MET A 53 -13.07 -5.17 25.05
N MET A 53 -13.06 -5.17 25.05
CA MET A 53 -12.96 -3.87 25.67
CA MET A 53 -13.08 -3.81 25.64
CA MET A 53 -13.02 -3.80 25.62
C MET A 53 -12.34 -3.96 27.05
C MET A 53 -12.51 -3.90 27.06
C MET A 53 -12.54 -3.88 27.07
N GLY A 54 -11.90 -2.80 27.55
CA GLY A 54 -11.38 -2.75 28.90
C GLY A 54 -11.48 -1.35 29.44
N PRO A 55 -11.21 -1.23 30.75
CA PRO A 55 -11.30 0.05 31.41
C PRO A 55 -10.01 0.86 31.27
N ILE A 56 -10.17 2.16 31.33
CA ILE A 56 -9.01 3.07 31.46
C ILE A 56 -8.99 3.56 32.90
N GLN A 57 -7.88 3.29 33.61
N GLN A 57 -7.83 3.41 33.55
CA GLN A 57 -7.74 3.66 35.04
CA GLN A 57 -7.64 3.62 35.00
C GLN A 57 -7.15 5.07 35.13
C GLN A 57 -7.00 5.00 35.22
N ALA A 58 -7.41 5.72 36.26
CA ALA A 58 -6.83 7.03 36.56
C ALA A 58 -5.36 6.89 36.93
N ASN A 59 -4.98 5.75 37.51
N ASN A 59 -5.00 5.78 37.58
CA ASN A 59 -3.65 5.56 38.12
CA ASN A 59 -3.67 5.56 38.20
C ASN A 59 -3.01 4.26 37.64
C ASN A 59 -3.01 4.29 37.64
N HIS A 60 -1.70 4.21 37.77
CA HIS A 60 -0.88 3.03 37.42
C HIS A 60 0.29 2.96 38.37
N THR A 61 0.60 1.75 38.84
CA THR A 61 1.78 1.48 39.68
C THR A 61 2.43 0.20 39.17
N GLY A 62 3.75 0.19 39.04
CA GLY A 62 4.52 -1.03 38.76
C GLY A 62 5.73 -0.74 37.90
N THR A 63 6.52 -1.77 37.64
CA THR A 63 7.84 -1.64 36.99
C THR A 63 7.79 -2.15 35.55
N GLY A 64 6.61 -2.55 35.08
CA GLY A 64 6.47 -3.10 33.73
C GLY A 64 6.58 -2.02 32.66
N LEU A 65 6.63 -2.48 31.42
CA LEU A 65 6.72 -1.57 30.27
C LEU A 65 5.54 -0.60 30.24
N LEU A 66 5.82 0.67 30.07
CA LEU A 66 4.83 1.74 29.88
C LEU A 66 5.11 2.39 28.54
N LEU A 67 4.08 2.49 27.71
CA LEU A 67 4.13 3.29 26.46
C LEU A 67 3.29 4.54 26.70
N THR A 68 3.92 5.69 26.60
CA THR A 68 3.24 6.96 26.91
C THR A 68 2.98 7.72 25.62
N LEU A 69 1.71 8.00 25.33
N LEU A 69 1.69 8.03 25.40
CA LEU A 69 1.41 8.88 24.19
CA LEU A 69 1.21 8.91 24.31
C LEU A 69 1.84 10.30 24.53
C LEU A 69 1.73 10.34 24.53
N GLN A 70 2.22 10.99 23.47
CA GLN A 70 2.59 12.42 23.54
C GLN A 70 1.71 13.08 22.48
N PRO A 71 0.44 13.39 22.81
N PRO A 71 0.43 13.33 22.82
CA PRO A 71 -0.50 13.83 21.78
CA PRO A 71 -0.53 13.86 21.84
C PRO A 71 -0.19 15.24 21.27
C PRO A 71 -0.14 15.21 21.24
N GLU A 72 0.68 15.97 21.98
CA GLU A 72 1.09 17.32 21.55
C GLU A 72 2.28 17.26 20.59
N GLN A 73 2.91 16.09 20.45
N GLN A 73 2.87 16.09 20.37
CA GLN A 73 4.00 15.83 19.49
CA GLN A 73 4.01 15.93 19.46
C GLN A 73 3.33 15.29 18.23
C GLN A 73 3.47 15.26 18.20
N LYS A 74 3.30 16.12 17.19
N LYS A 74 3.24 16.07 17.17
CA LYS A 74 2.58 15.84 15.93
CA LYS A 74 2.48 15.63 15.98
C LYS A 74 3.61 15.50 14.87
C LYS A 74 3.42 15.59 14.78
N PHE A 75 3.29 14.52 14.02
CA PHE A 75 4.14 14.21 12.85
C PHE A 75 3.28 14.25 11.60
N GLN A 76 3.41 13.26 10.73
CA GLN A 76 2.78 13.33 9.41
C GLN A 76 1.31 12.99 9.49
N LYS A 77 0.57 13.52 8.53
N LYS A 77 0.55 13.50 8.53
CA LYS A 77 -0.82 13.16 8.21
CA LYS A 77 -0.84 13.09 8.32
C LYS A 77 -0.81 11.93 7.30
C LYS A 77 -0.91 12.01 7.24
N VAL A 78 -1.82 11.08 7.47
CA VAL A 78 -1.92 9.83 6.69
C VAL A 78 -2.81 10.04 5.48
N LYS A 79 -2.31 9.60 4.34
CA LYS A 79 -3.12 9.55 3.11
C LYS A 79 -3.98 8.28 3.08
N GLY A 80 -3.37 7.11 3.33
CA GLY A 80 -4.15 5.88 3.46
C GLY A 80 -3.40 4.62 3.07
N PHE A 81 -4.20 3.64 2.76
CA PHE A 81 -3.73 2.24 2.58
C PHE A 81 -4.52 1.60 1.46
N GLY A 82 -3.88 0.71 0.71
CA GLY A 82 -4.64 -0.05 -0.27
C GLY A 82 -3.74 -1.01 -1.00
N GLY A 83 -4.08 -1.29 -2.27
CA GLY A 83 -3.37 -2.29 -3.06
C GLY A 83 -3.55 -2.06 -4.54
N ALA A 84 -3.03 -2.98 -5.34
CA ALA A 84 -2.91 -2.77 -6.79
C ALA A 84 -3.92 -3.62 -7.58
N MET A 85 -4.63 -2.96 -8.47
CA MET A 85 -5.55 -3.61 -9.44
C MET A 85 -4.77 -3.91 -10.72
N THR A 86 -3.90 -4.91 -10.66
CA THR A 86 -3.21 -5.43 -11.82
C THR A 86 -4.16 -6.25 -12.69
N ASP A 87 -3.72 -6.55 -13.89
CA ASP A 87 -4.48 -7.49 -14.75
C ASP A 87 -4.64 -8.82 -14.01
N ALA A 88 -3.57 -9.29 -13.37
CA ALA A 88 -3.62 -10.58 -12.65
C ALA A 88 -4.65 -10.51 -11.53
N ALA A 89 -4.65 -9.44 -10.75
CA ALA A 89 -5.63 -9.33 -9.65
C ALA A 89 -7.05 -9.37 -10.24
N ALA A 90 -7.27 -8.59 -11.28
CA ALA A 90 -8.61 -8.52 -11.89
C ALA A 90 -9.04 -9.91 -12.39
N LEU A 91 -8.16 -10.61 -13.09
CA LEU A 91 -8.47 -11.95 -13.63
C LEU A 91 -8.82 -12.90 -12.49
N ASN A 92 -8.07 -12.85 -11.41
CA ASN A 92 -8.34 -13.74 -10.26
C ASN A 92 -9.69 -13.42 -9.62
N ILE A 93 -9.97 -12.14 -9.39
CA ILE A 93 -11.26 -11.77 -8.80
C ILE A 93 -12.40 -12.26 -9.72
N LEU A 94 -12.28 -11.99 -11.00
CA LEU A 94 -13.38 -12.29 -11.96
C LEU A 94 -13.52 -13.80 -12.21
N ALA A 95 -12.58 -14.62 -11.74
CA ALA A 95 -12.67 -16.08 -11.86
C ALA A 95 -13.63 -16.64 -10.80
N LEU A 96 -13.93 -15.88 -9.77
CA LEU A 96 -14.93 -16.29 -8.75
C LEU A 96 -16.34 -16.08 -9.31
N SER A 97 -17.31 -16.75 -8.74
CA SER A 97 -18.73 -16.42 -9.02
C SER A 97 -19.02 -15.02 -8.49
N PRO A 98 -19.99 -14.31 -9.07
CA PRO A 98 -20.26 -12.94 -8.63
C PRO A 98 -20.46 -12.77 -7.13
N PRO A 99 -21.19 -13.64 -6.41
CA PRO A 99 -21.35 -13.42 -4.98
C PRO A 99 -20.02 -13.50 -4.24
N ALA A 100 -19.15 -14.44 -4.63
CA ALA A 100 -17.80 -14.55 -4.03
C ALA A 100 -16.98 -13.31 -4.40
N GLN A 101 -17.05 -12.84 -5.65
CA GLN A 101 -16.36 -11.60 -6.04
C GLN A 101 -16.75 -10.46 -5.10
N ASN A 102 -18.03 -10.35 -4.78
CA ASN A 102 -18.51 -9.20 -3.99
C ASN A 102 -18.00 -9.34 -2.56
N LEU A 103 -17.91 -10.55 -2.02
CA LEU A 103 -17.35 -10.73 -0.65
C LEU A 103 -15.85 -10.41 -0.66
N LEU A 104 -15.13 -10.74 -1.72
CA LEU A 104 -13.70 -10.38 -1.79
C LEU A 104 -13.59 -8.85 -1.84
N LEU A 105 -14.34 -8.19 -2.72
CA LEU A 105 -14.25 -6.72 -2.81
C LEU A 105 -14.69 -6.07 -1.49
N LYS A 106 -15.72 -6.59 -0.85
CA LYS A 106 -16.14 -6.01 0.44
C LYS A 106 -15.07 -6.21 1.50
N SER A 107 -14.37 -7.33 1.46
N SER A 107 -14.35 -7.34 1.48
CA SER A 107 -13.28 -7.60 2.43
CA SER A 107 -13.30 -7.60 2.49
C SER A 107 -12.31 -6.43 2.43
C SER A 107 -12.26 -6.48 2.45
N TYR A 108 -11.94 -5.95 1.26
CA TYR A 108 -10.99 -4.83 1.14
C TYR A 108 -11.66 -3.47 1.32
N PHE A 109 -12.78 -3.23 0.65
CA PHE A 109 -13.22 -1.84 0.36
C PHE A 109 -14.44 -1.42 1.15
N SER A 110 -15.14 -2.33 1.81
N SER A 110 -15.04 -2.32 1.92
CA SER A 110 -16.34 -1.93 2.56
CA SER A 110 -16.22 -2.05 2.77
C SER A 110 -15.99 -1.66 4.01
C SER A 110 -15.76 -1.66 4.18
N GLU A 111 -16.98 -1.04 4.66
N GLU A 111 -16.63 -0.93 4.89
CA GLU A 111 -16.99 -0.76 6.11
CA GLU A 111 -16.45 -0.78 6.35
C GLU A 111 -17.12 -2.06 6.92
C GLU A 111 -16.71 -2.10 7.08
N GLU A 112 -17.50 -3.18 6.31
N GLU A 112 -17.40 -3.03 6.41
CA GLU A 112 -17.49 -4.49 7.00
CA GLU A 112 -17.55 -4.45 6.84
C GLU A 112 -16.21 -5.26 6.67
C GLU A 112 -16.20 -5.18 6.73
N GLY A 113 -15.29 -4.63 5.95
CA GLY A 113 -13.96 -5.18 5.70
C GLY A 113 -12.91 -4.29 6.32
N ILE A 114 -11.84 -4.05 5.59
CA ILE A 114 -10.68 -3.35 6.19
C ILE A 114 -10.49 -1.93 5.63
N GLY A 115 -11.46 -1.40 4.91
CA GLY A 115 -11.51 0.05 4.67
C GLY A 115 -10.38 0.58 3.80
N TYR A 116 -9.90 -0.16 2.83
CA TYR A 116 -8.94 0.40 1.87
C TYR A 116 -9.46 1.71 1.27
N ASN A 117 -8.52 2.62 1.05
CA ASN A 117 -8.85 3.90 0.36
C ASN A 117 -7.84 4.25 -0.71
N ILE A 118 -7.03 3.32 -1.18
N ILE A 118 -7.00 3.32 -1.15
CA ILE A 118 -6.12 3.57 -2.31
CA ILE A 118 -6.01 3.51 -2.23
C ILE A 118 -6.14 2.37 -3.23
C ILE A 118 -6.16 2.35 -3.22
N ILE A 119 -6.18 2.64 -4.52
CA ILE A 119 -5.99 1.61 -5.55
C ILE A 119 -4.90 2.09 -6.48
N ARG A 120 -3.87 1.28 -6.65
CA ARG A 120 -2.82 1.54 -7.66
C ARG A 120 -3.18 0.82 -8.95
N VAL A 121 -3.11 1.56 -10.05
CA VAL A 121 -3.57 1.13 -11.38
C VAL A 121 -2.37 1.17 -12.32
N PRO A 122 -1.88 0.02 -12.83
CA PRO A 122 -0.85 0.10 -13.85
C PRO A 122 -1.39 0.78 -15.11
N MET A 123 -0.52 1.57 -15.73
CA MET A 123 -0.76 2.15 -17.06
C MET A 123 -0.27 1.11 -18.06
N ALA A 124 -1.21 0.30 -18.53
CA ALA A 124 -0.98 -0.82 -19.48
C ALA A 124 -0.25 -1.96 -18.78
N SER A 125 0.50 -2.77 -19.54
CA SER A 125 0.91 -4.10 -19.04
C SER A 125 2.11 -4.02 -18.09
N CYS A 126 2.17 -5.03 -17.22
CA CYS A 126 3.34 -5.23 -16.35
C CYS A 126 3.63 -6.73 -16.26
N ASP A 127 4.45 -7.15 -15.30
N ASP A 127 4.44 -7.10 -15.25
CA ASP A 127 4.72 -8.61 -15.17
CA ASP A 127 4.83 -8.51 -14.98
C ASP A 127 3.43 -9.34 -14.77
C ASP A 127 3.57 -9.33 -14.59
N PHE A 128 2.59 -8.69 -13.96
CA PHE A 128 1.30 -9.28 -13.55
C PHE A 128 0.22 -8.98 -14.59
N SER A 129 0.59 -9.33 -15.83
CA SER A 129 -0.27 -9.32 -17.03
C SER A 129 -0.01 -10.64 -17.74
N ILE A 130 -0.96 -11.04 -18.57
CA ILE A 130 -0.79 -12.28 -19.37
C ILE A 130 -0.55 -11.92 -20.84
N ARG A 131 -0.62 -10.65 -21.20
CA ARG A 131 -0.42 -10.12 -22.56
C ARG A 131 0.51 -8.93 -22.44
N THR A 132 1.50 -8.77 -23.32
N THR A 132 1.39 -8.79 -23.42
CA THR A 132 2.33 -7.54 -23.33
CA THR A 132 2.28 -7.63 -23.56
C THR A 132 1.71 -6.58 -24.36
C THR A 132 1.55 -6.60 -24.39
N TYR A 133 1.43 -5.38 -23.89
CA TYR A 133 0.75 -4.30 -24.65
C TYR A 133 1.04 -2.98 -23.96
N THR A 134 0.93 -1.93 -24.77
CA THR A 134 0.80 -0.56 -24.26
C THR A 134 -0.47 0.04 -24.83
N TYR A 135 -0.72 1.29 -24.50
CA TYR A 135 -1.92 1.98 -25.02
C TYR A 135 -1.65 2.58 -26.41
N ALA A 136 -0.44 2.53 -26.93
CA ALA A 136 -0.13 3.17 -28.23
C ALA A 136 0.91 2.35 -28.97
N ASP A 137 0.54 1.13 -29.35
CA ASP A 137 1.49 0.20 -30.01
C ASP A 137 1.60 0.45 -31.51
N THR A 138 0.76 1.28 -32.12
CA THR A 138 0.90 1.58 -33.56
C THR A 138 2.20 2.34 -33.74
N PRO A 139 3.16 1.84 -34.56
CA PRO A 139 4.49 2.44 -34.59
C PRO A 139 4.49 3.91 -35.02
N ASP A 140 5.36 4.66 -34.36
CA ASP A 140 5.74 6.04 -34.74
C ASP A 140 4.52 6.96 -34.73
N ASP A 141 3.56 6.66 -33.86
CA ASP A 141 2.33 7.47 -33.70
C ASP A 141 2.59 8.62 -32.73
N PHE A 142 3.46 9.56 -33.09
CA PHE A 142 3.82 10.66 -32.17
C PHE A 142 2.60 11.51 -31.82
N GLN A 143 1.60 11.57 -32.71
CA GLN A 143 0.35 12.32 -32.48
C GLN A 143 -0.52 11.58 -31.45
N LEU A 144 -0.23 10.30 -31.19
CA LEU A 144 -1.03 9.41 -30.31
C LEU A 144 -2.48 9.36 -30.81
N HIS A 145 -2.65 9.40 -32.12
CA HIS A 145 -3.98 9.18 -32.75
C HIS A 145 -4.51 7.79 -32.43
N ASN A 146 -3.62 6.81 -32.29
CA ASN A 146 -4.02 5.39 -32.08
C ASN A 146 -3.91 5.02 -30.60
N PHE A 147 -3.85 6.00 -29.69
CA PHE A 147 -3.91 5.70 -28.24
C PHE A 147 -5.29 5.14 -27.93
N SER A 148 -5.36 4.00 -27.26
N SER A 148 -5.34 4.00 -27.23
CA SER A 148 -6.66 3.52 -26.79
CA SER A 148 -6.61 3.29 -26.97
C SER A 148 -6.45 2.59 -25.61
C SER A 148 -6.49 2.43 -25.70
N LEU A 149 -7.50 2.47 -24.83
CA LEU A 149 -7.57 1.48 -23.74
C LEU A 149 -8.10 0.16 -24.29
N PRO A 150 -7.38 -0.95 -24.07
CA PRO A 150 -7.86 -2.26 -24.47
C PRO A 150 -8.82 -2.83 -23.41
N GLU A 151 -9.27 -4.05 -23.67
CA GLU A 151 -10.27 -4.68 -22.78
C GLU A 151 -9.68 -4.93 -21.39
N GLU A 152 -8.38 -5.06 -21.23
CA GLU A 152 -7.83 -5.24 -19.86
C GLU A 152 -8.28 -4.08 -18.99
N ASP A 153 -8.38 -2.89 -19.56
N ASP A 153 -8.40 -2.88 -19.57
CA ASP A 153 -8.91 -1.70 -18.86
CA ASP A 153 -8.92 -1.71 -18.83
C ASP A 153 -10.43 -1.67 -18.95
C ASP A 153 -10.44 -1.68 -18.93
N THR A 154 -11.00 -1.69 -20.14
CA THR A 154 -12.44 -1.33 -20.30
C THR A 154 -13.36 -2.44 -19.79
N LYS A 155 -12.96 -3.70 -19.84
N LYS A 155 -12.89 -3.69 -19.83
CA LYS A 155 -13.89 -4.79 -19.45
CA LYS A 155 -13.69 -4.87 -19.43
C LYS A 155 -13.48 -5.39 -18.11
C LYS A 155 -13.31 -5.32 -18.03
N LEU A 156 -12.24 -5.13 -17.67
N LEU A 156 -12.02 -5.32 -17.68
CA LEU A 156 -11.56 -5.89 -16.60
CA LEU A 156 -11.60 -5.95 -16.40
C LEU A 156 -11.26 -4.99 -15.39
C LEU A 156 -11.34 -4.86 -15.35
N LYS A 157 -10.30 -4.07 -15.52
CA LYS A 157 -9.89 -3.18 -14.39
C LYS A 157 -10.93 -2.10 -14.08
N ILE A 158 -11.39 -1.37 -15.08
CA ILE A 158 -12.27 -0.21 -14.82
C ILE A 158 -13.55 -0.65 -14.15
N PRO A 159 -14.28 -1.67 -14.65
CA PRO A 159 -15.50 -2.06 -13.97
C PRO A 159 -15.27 -2.53 -12.53
N LEU A 160 -14.15 -3.19 -12.27
CA LEU A 160 -13.83 -3.63 -10.89
C LEU A 160 -13.50 -2.43 -10.02
N ILE A 161 -12.81 -1.43 -10.55
CA ILE A 161 -12.52 -0.21 -9.77
C ILE A 161 -13.84 0.48 -9.40
N HIS A 162 -14.76 0.60 -10.34
CA HIS A 162 -16.07 1.20 -10.00
C HIS A 162 -16.74 0.38 -8.89
N ARG A 163 -16.76 -0.94 -9.03
CA ARG A 163 -17.41 -1.79 -8.02
C ARG A 163 -16.78 -1.56 -6.64
N ALA A 164 -15.46 -1.49 -6.57
CA ALA A 164 -14.73 -1.28 -5.30
C ALA A 164 -15.13 0.08 -4.71
N LEU A 165 -15.06 1.13 -5.51
CA LEU A 165 -15.40 2.50 -5.02
C LEU A 165 -16.82 2.54 -4.51
N GLN A 166 -17.73 1.83 -5.18
CA GLN A 166 -19.16 1.87 -4.83
C GLN A 166 -19.46 1.09 -3.54
N LEU A 167 -18.53 0.27 -3.08
CA LEU A 167 -18.67 -0.45 -1.79
C LEU A 167 -18.12 0.36 -0.63
N ALA A 168 -17.33 1.37 -0.91
CA ALA A 168 -16.64 2.15 0.12
C ALA A 168 -17.50 3.33 0.57
N GLN A 169 -17.37 3.71 1.84
N GLN A 169 -17.41 3.63 1.85
CA GLN A 169 -17.88 5.01 2.34
CA GLN A 169 -18.00 4.85 2.46
C GLN A 169 -16.72 6.03 2.34
C GLN A 169 -16.91 5.92 2.56
N ARG A 170 -15.49 5.61 2.65
N ARG A 170 -15.65 5.51 2.47
CA ARG A 170 -14.30 6.48 2.60
CA ARG A 170 -14.46 6.40 2.44
C ARG A 170 -14.05 6.83 1.13
C ARG A 170 -14.31 6.89 1.00
N PRO A 171 -13.74 8.09 0.77
CA PRO A 171 -13.27 8.40 -0.57
C PRO A 171 -12.03 7.56 -0.89
N VAL A 172 -12.00 6.96 -2.08
CA VAL A 172 -10.88 6.11 -2.54
C VAL A 172 -10.07 6.93 -3.54
N SER A 173 -8.77 6.94 -3.32
CA SER A 173 -7.81 7.63 -4.19
C SER A 173 -7.14 6.63 -5.12
N LEU A 174 -7.06 7.00 -6.39
CA LEU A 174 -6.40 6.17 -7.41
C LEU A 174 -5.01 6.72 -7.68
N LEU A 175 -4.08 5.82 -7.89
CA LEU A 175 -2.66 6.13 -8.17
C LEU A 175 -2.27 5.38 -9.43
N ALA A 176 -1.76 6.04 -10.46
CA ALA A 176 -1.36 5.36 -11.70
C ALA A 176 0.15 5.32 -11.82
N SER A 177 0.66 4.25 -12.41
CA SER A 177 2.10 4.07 -12.66
C SER A 177 2.32 3.34 -13.96
N PRO A 178 3.22 3.79 -14.85
CA PRO A 178 3.54 3.02 -16.04
C PRO A 178 4.76 2.14 -15.82
N TRP A 179 4.80 1.01 -16.53
CA TRP A 179 6.00 0.13 -16.55
C TRP A 179 6.82 0.41 -17.80
N THR A 180 6.21 0.28 -18.99
CA THR A 180 6.90 0.60 -20.24
C THR A 180 6.11 1.63 -21.03
N SER A 181 6.84 2.38 -21.84
CA SER A 181 6.27 3.13 -22.97
C SER A 181 6.10 2.19 -24.14
N PRO A 182 5.38 2.67 -25.19
CA PRO A 182 5.47 2.05 -26.49
C PRO A 182 6.93 1.84 -26.89
N THR A 183 7.18 0.74 -27.60
CA THR A 183 8.56 0.32 -27.88
C THR A 183 9.23 1.25 -28.90
N TRP A 184 8.43 1.91 -29.72
CA TRP A 184 8.96 2.85 -30.74
C TRP A 184 9.43 4.16 -30.10
N LEU A 185 9.19 4.36 -28.81
CA LEU A 185 9.78 5.50 -28.06
C LEU A 185 11.08 5.11 -27.36
N LYS A 186 11.52 3.84 -27.46
CA LYS A 186 12.61 3.31 -26.62
C LYS A 186 13.85 3.00 -27.43
N THR A 187 14.98 3.18 -26.78
CA THR A 187 16.29 2.93 -27.39
C THR A 187 16.45 1.48 -27.85
N ASN A 188 15.82 0.54 -27.16
CA ASN A 188 16.02 -0.90 -27.43
C ASN A 188 14.84 -1.49 -28.20
N GLY A 189 13.78 -0.74 -28.48
CA GLY A 189 12.66 -1.25 -29.27
C GLY A 189 12.00 -2.49 -28.67
N ALA A 190 11.99 -2.63 -27.34
CA ALA A 190 11.40 -3.80 -26.67
C ALA A 190 10.75 -3.33 -25.38
N VAL A 191 9.79 -4.09 -24.88
CA VAL A 191 9.09 -3.70 -23.63
C VAL A 191 9.99 -3.92 -22.43
N ASN A 192 10.89 -4.88 -22.52
CA ASN A 192 11.78 -5.30 -21.42
C ASN A 192 13.22 -5.04 -21.83
N GLY A 193 14.14 -5.56 -21.02
CA GLY A 193 15.58 -5.34 -21.26
C GLY A 193 15.99 -3.92 -20.90
N LYS A 194 17.26 -3.67 -21.08
N LYS A 194 17.27 -3.62 -21.11
CA LYS A 194 17.80 -2.32 -20.86
CA LYS A 194 17.82 -2.29 -20.80
C LYS A 194 17.28 -1.42 -21.97
C LYS A 194 17.44 -1.32 -21.93
N GLY A 195 16.62 -0.34 -21.59
CA GLY A 195 16.14 0.59 -22.58
C GLY A 195 15.54 1.79 -21.90
N SER A 196 15.67 2.93 -22.54
N SER A 196 15.70 2.95 -22.52
CA SER A 196 15.16 4.22 -22.04
CA SER A 196 15.20 4.24 -22.03
C SER A 196 14.38 4.88 -23.17
C SER A 196 14.46 4.92 -23.17
N LEU A 197 13.78 6.02 -22.88
CA LEU A 197 13.26 6.86 -23.97
C LEU A 197 14.43 7.26 -24.86
N LYS A 198 14.19 7.30 -26.15
CA LYS A 198 15.16 7.86 -27.11
C LYS A 198 15.37 9.35 -26.83
N GLY A 199 16.50 9.85 -27.29
CA GLY A 199 16.77 11.28 -27.26
C GLY A 199 17.03 11.77 -25.86
N GLN A 200 16.46 12.93 -25.54
CA GLN A 200 16.71 13.59 -24.24
C GLN A 200 15.47 14.36 -23.86
N PRO A 201 15.26 14.58 -22.56
CA PRO A 201 14.18 15.42 -22.08
C PRO A 201 14.06 16.72 -22.87
N GLY A 202 12.80 17.07 -23.15
CA GLY A 202 12.44 18.27 -23.90
C GLY A 202 12.29 18.01 -25.39
N ASP A 203 12.53 16.79 -25.85
CA ASP A 203 12.45 16.46 -27.28
C ASP A 203 11.14 15.77 -27.64
N ILE A 204 11.02 15.39 -28.91
CA ILE A 204 9.73 14.84 -29.39
C ILE A 204 9.40 13.55 -28.64
N TYR A 205 10.38 12.69 -28.35
CA TYR A 205 10.08 11.40 -27.68
C TYR A 205 9.53 11.65 -26.29
N HIS A 206 10.16 12.59 -25.57
CA HIS A 206 9.80 12.88 -24.18
C HIS A 206 8.48 13.64 -24.13
N GLN A 207 8.22 14.54 -25.07
N GLN A 207 8.28 14.56 -25.07
N GLN A 207 8.25 14.53 -25.10
CA GLN A 207 6.92 15.23 -25.07
CA GLN A 207 7.00 15.30 -25.29
CA GLN A 207 6.99 15.31 -25.21
C GLN A 207 5.82 14.25 -25.43
C GLN A 207 5.87 14.29 -25.45
C GLN A 207 5.83 14.35 -25.53
N THR A 208 6.08 13.32 -26.33
CA THR A 208 5.06 12.31 -26.66
C THR A 208 4.77 11.46 -25.42
N TRP A 209 5.81 11.07 -24.70
CA TRP A 209 5.60 10.20 -23.51
C TRP A 209 4.83 10.99 -22.44
N ALA A 210 5.14 12.27 -22.23
CA ALA A 210 4.36 13.09 -21.29
C ALA A 210 2.91 13.16 -21.74
N ARG A 211 2.68 13.37 -23.04
N ARG A 211 2.68 13.38 -23.03
N ARG A 211 2.68 13.37 -23.04
CA ARG A 211 1.30 13.47 -23.60
CA ARG A 211 1.29 13.46 -23.57
CA ARG A 211 1.29 13.46 -23.58
C ARG A 211 0.55 12.14 -23.40
C ARG A 211 0.56 12.14 -23.33
C ARG A 211 0.56 12.14 -23.36
N TYR A 212 1.28 11.02 -23.39
CA TYR A 212 0.66 9.69 -23.13
C TYR A 212 0.05 9.66 -21.73
N PHE A 213 0.70 10.27 -20.75
CA PHE A 213 0.09 10.36 -19.39
C PHE A 213 -1.26 11.10 -19.47
N VAL A 214 -1.31 12.22 -20.18
CA VAL A 214 -2.55 13.01 -20.31
C VAL A 214 -3.60 12.18 -21.04
N LYS A 215 -3.22 11.46 -22.09
N LYS A 215 -3.21 11.48 -22.11
CA LYS A 215 -4.20 10.63 -22.83
CA LYS A 215 -4.16 10.61 -22.84
C LYS A 215 -4.75 9.52 -21.93
C LYS A 215 -4.74 9.55 -21.91
N PHE A 216 -3.91 8.94 -21.08
CA PHE A 216 -4.35 7.92 -20.11
C PHE A 216 -5.38 8.52 -19.16
N LEU A 217 -5.06 9.68 -18.58
CA LEU A 217 -5.98 10.33 -17.63
C LEU A 217 -7.27 10.75 -18.35
N ASP A 218 -7.16 11.24 -19.57
CA ASP A 218 -8.37 11.58 -20.38
C ASP A 218 -9.24 10.34 -20.55
N ALA A 219 -8.63 9.20 -20.87
CA ALA A 219 -9.38 7.98 -21.19
C ALA A 219 -10.06 7.46 -19.92
N TYR A 220 -9.36 7.44 -18.79
CA TYR A 220 -10.00 7.00 -17.54
C TYR A 220 -11.09 8.00 -17.15
N ALA A 221 -10.90 9.29 -17.42
CA ALA A 221 -11.93 10.28 -17.07
C ALA A 221 -13.18 10.06 -17.92
N GLU A 222 -13.05 9.58 -19.16
CA GLU A 222 -14.25 9.25 -19.97
C GLU A 222 -15.04 8.12 -19.31
N HIS A 223 -14.35 7.27 -18.54
CA HIS A 223 -14.96 6.17 -17.76
C HIS A 223 -15.30 6.62 -16.35
N LYS A 224 -15.30 7.92 -16.07
CA LYS A 224 -15.75 8.50 -14.78
C LYS A 224 -14.82 8.08 -13.65
N LEU A 225 -13.53 7.96 -13.94
CA LEU A 225 -12.50 7.73 -12.91
C LEU A 225 -11.47 8.85 -12.99
N GLN A 226 -11.14 9.36 -11.81
N GLN A 226 -11.16 9.44 -11.85
CA GLN A 226 -10.21 10.47 -11.57
CA GLN A 226 -10.13 10.49 -11.74
C GLN A 226 -9.04 9.93 -10.75
C GLN A 226 -9.08 10.03 -10.73
N PHE A 227 -7.84 10.45 -10.97
CA PHE A 227 -6.68 10.05 -10.18
C PHE A 227 -6.31 11.10 -9.16
N TRP A 228 -5.86 10.60 -8.02
CA TRP A 228 -5.19 11.41 -6.98
C TRP A 228 -3.77 11.73 -7.42
N ALA A 229 -3.06 10.74 -7.93
CA ALA A 229 -1.64 10.91 -8.25
C ALA A 229 -1.24 9.94 -9.36
N VAL A 230 -0.13 10.27 -9.95
CA VAL A 230 0.63 9.36 -10.84
C VAL A 230 2.06 9.33 -10.35
N THR A 231 2.76 8.24 -10.66
CA THR A 231 4.21 8.19 -10.49
C THR A 231 4.89 8.42 -11.82
N ALA A 232 6.14 8.85 -11.74
CA ALA A 232 6.88 9.26 -12.95
C ALA A 232 7.34 8.06 -13.77
N GLU A 233 7.31 6.86 -13.20
CA GLU A 233 7.73 5.58 -13.79
C GLU A 233 7.73 4.57 -12.67
N ASN A 234 7.22 3.37 -12.89
CA ASN A 234 7.45 2.27 -11.93
C ASN A 234 8.93 1.84 -12.02
N GLU A 235 9.63 1.81 -10.89
CA GLU A 235 10.99 1.24 -10.78
CA GLU A 235 10.99 1.24 -10.79
C GLU A 235 11.86 1.68 -11.96
N PRO A 236 12.12 2.99 -12.09
CA PRO A 236 12.94 3.48 -13.18
C PRO A 236 14.36 2.88 -13.20
N SER A 237 14.88 2.47 -12.04
CA SER A 237 16.23 1.86 -12.03
C SER A 237 16.23 0.52 -12.75
N ALA A 238 15.08 -0.15 -12.87
CA ALA A 238 15.05 -1.50 -13.48
C ALA A 238 15.46 -1.42 -14.95
N GLY A 239 14.98 -0.40 -15.65
CA GLY A 239 15.26 -0.28 -17.10
C GLY A 239 16.68 0.11 -17.41
N LEU A 240 17.49 0.34 -16.39
CA LEU A 240 18.95 0.55 -16.56
C LEU A 240 19.69 -0.79 -16.63
N LEU A 241 19.02 -1.91 -16.37
CA LEU A 241 19.69 -3.22 -16.21
C LEU A 241 19.57 -4.08 -17.45
N SER A 242 20.70 -4.45 -18.03
N SER A 242 20.70 -4.45 -18.04
CA SER A 242 20.77 -5.41 -19.15
CA SER A 242 20.71 -5.41 -19.14
C SER A 242 20.04 -6.70 -18.77
C SER A 242 19.97 -6.67 -18.73
N GLY A 243 19.16 -7.17 -19.65
CA GLY A 243 18.40 -8.42 -19.44
C GLY A 243 17.22 -8.26 -18.53
N TYR A 244 16.83 -7.04 -18.15
CA TYR A 244 15.72 -6.93 -17.19
C TYR A 244 14.52 -7.67 -17.79
N PRO A 245 13.88 -8.59 -17.03
CA PRO A 245 13.04 -9.58 -17.69
C PRO A 245 11.67 -9.15 -18.21
N PHE A 246 11.12 -8.09 -17.63
N PHE A 246 11.16 -8.04 -17.72
CA PHE A 246 9.74 -7.64 -17.95
CA PHE A 246 9.78 -7.63 -18.09
C PHE A 246 9.69 -6.12 -18.07
C PHE A 246 9.71 -6.12 -18.26
N GLN A 247 8.48 -5.63 -18.37
CA GLN A 247 8.24 -4.25 -18.81
C GLN A 247 8.95 -3.26 -17.89
N CYS A 248 9.65 -2.33 -18.51
CA CYS A 248 10.43 -1.35 -17.77
C CYS A 248 10.78 -0.18 -18.69
N LEU A 249 11.29 0.87 -18.09
CA LEU A 249 11.69 2.09 -18.84
C LEU A 249 12.73 2.77 -17.96
N GLY A 250 13.98 2.73 -18.40
CA GLY A 250 15.09 3.14 -17.53
C GLY A 250 15.25 4.64 -17.45
N PHE A 251 15.44 5.15 -16.24
CA PHE A 251 15.87 6.54 -16.03
C PHE A 251 16.93 6.55 -14.95
N THR A 252 18.03 7.23 -15.19
CA THR A 252 18.89 7.72 -14.11
C THR A 252 18.12 8.79 -13.33
N PRO A 253 18.57 9.17 -12.11
CA PRO A 253 17.88 10.24 -11.42
C PRO A 253 17.96 11.56 -12.18
N GLU A 254 19.07 11.80 -12.87
CA GLU A 254 19.21 13.02 -13.69
C GLU A 254 18.19 13.02 -14.82
N HIS A 255 18.04 11.87 -15.47
CA HIS A 255 17.04 11.75 -16.56
C HIS A 255 15.64 12.00 -16.01
N GLN A 256 15.31 11.38 -14.88
CA GLN A 256 13.99 11.63 -14.27
C GLN A 256 13.81 13.11 -13.92
N ARG A 257 14.84 13.72 -13.31
CA ARG A 257 14.80 15.15 -12.98
C ARG A 257 14.41 15.96 -14.23
N ASP A 258 15.16 15.77 -15.30
CA ASP A 258 14.98 16.61 -16.49
C ASP A 258 13.66 16.29 -17.20
N PHE A 259 13.25 15.02 -17.22
CA PHE A 259 11.95 14.65 -17.80
C PHE A 259 10.82 15.34 -17.02
N ILE A 260 10.89 15.30 -15.71
CA ILE A 260 9.86 15.97 -14.89
C ILE A 260 9.85 17.48 -15.17
N ALA A 261 11.02 18.09 -15.16
CA ALA A 261 11.13 19.56 -15.30
C ALA A 261 10.67 20.02 -16.67
N ARG A 262 11.05 19.30 -17.72
CA ARG A 262 10.84 19.79 -19.09
C ARG A 262 9.52 19.30 -19.70
N ASP A 263 9.12 18.09 -19.34
CA ASP A 263 8.07 17.37 -20.10
C ASP A 263 6.89 17.03 -19.20
N LEU A 264 7.07 16.14 -18.25
CA LEU A 264 5.89 15.60 -17.53
C LEU A 264 5.25 16.68 -16.65
N GLY A 265 6.03 17.42 -15.88
CA GLY A 265 5.47 18.44 -15.00
C GLY A 265 4.68 19.47 -15.81
N PRO A 266 5.32 20.13 -16.78
CA PRO A 266 4.60 21.15 -17.55
C PRO A 266 3.39 20.61 -18.31
N THR A 267 3.51 19.40 -18.83
CA THR A 267 2.40 18.81 -19.62
C THR A 267 1.21 18.57 -18.70
N LEU A 268 1.43 17.96 -17.53
CA LEU A 268 0.32 17.76 -16.58
C LEU A 268 -0.24 19.12 -16.14
N ALA A 269 0.62 20.08 -15.83
CA ALA A 269 0.20 21.39 -15.27
C ALA A 269 -0.67 22.14 -16.28
N ASN A 270 -0.41 21.97 -17.58
CA ASN A 270 -1.13 22.68 -18.67
C ASN A 270 -2.31 21.84 -19.17
N SER A 271 -2.76 20.86 -18.39
CA SER A 271 -3.86 19.97 -18.78
C SER A 271 -5.02 20.17 -17.82
N THR A 272 -6.15 19.57 -18.15
CA THR A 272 -7.32 19.53 -17.25
C THR A 272 -7.00 18.69 -16.01
N HIS A 273 -5.91 17.92 -16.01
CA HIS A 273 -5.50 17.04 -14.91
C HIS A 273 -4.46 17.71 -14.01
N HIS A 274 -4.41 19.03 -13.99
CA HIS A 274 -3.36 19.75 -13.23
C HIS A 274 -3.43 19.47 -11.72
N ASN A 275 -4.58 19.03 -11.20
CA ASN A 275 -4.72 18.73 -9.75
C ASN A 275 -4.15 17.34 -9.44
N VAL A 276 -3.87 16.52 -10.43
CA VAL A 276 -3.28 15.18 -10.18
C VAL A 276 -1.86 15.42 -9.67
N ARG A 277 -1.51 14.80 -8.55
N ARG A 277 -1.48 14.75 -8.58
CA ARG A 277 -0.16 14.92 -7.94
CA ARG A 277 -0.16 14.92 -7.96
C ARG A 277 0.81 14.06 -8.74
C ARG A 277 0.86 13.98 -8.59
N LEU A 278 2.09 14.47 -8.69
CA LEU A 278 3.17 13.70 -9.30
C LEU A 278 4.12 13.20 -8.20
N LEU A 279 4.33 11.90 -8.16
CA LEU A 279 5.28 11.26 -7.24
C LEU A 279 6.49 10.80 -8.03
N MET A 280 7.67 11.09 -7.51
CA MET A 280 8.94 10.66 -8.08
C MET A 280 9.38 9.32 -7.46
N LEU A 281 10.43 8.78 -8.05
CA LEU A 281 11.14 7.56 -7.58
C LEU A 281 10.30 6.30 -7.88
N ASP A 282 9.32 5.98 -7.05
CA ASP A 282 8.50 4.76 -7.22
C ASP A 282 9.43 3.53 -7.34
N ASP A 283 10.35 3.42 -6.40
CA ASP A 283 11.44 2.42 -6.48
C ASP A 283 11.97 2.15 -5.07
N GLN A 284 12.93 1.26 -5.02
CA GLN A 284 13.49 0.75 -3.75
C GLN A 284 14.20 1.84 -2.95
N ARG A 285 14.26 1.57 -1.66
N ARG A 285 14.09 1.81 -1.64
CA ARG A 285 14.70 2.54 -0.62
CA ARG A 285 14.49 2.98 -0.81
C ARG A 285 16.18 2.88 -0.76
C ARG A 285 16.02 3.12 -0.71
N LEU A 286 17.03 1.95 -1.22
N LEU A 286 16.80 2.15 -1.20
CA LEU A 286 18.49 2.20 -1.27
CA LEU A 286 18.28 2.26 -1.19
C LEU A 286 18.78 3.37 -2.22
C LEU A 286 18.75 3.26 -2.25
N LEU A 287 17.83 3.73 -3.10
CA LEU A 287 18.07 4.86 -4.03
C LEU A 287 17.90 6.20 -3.33
N LEU A 288 17.50 6.20 -2.07
CA LEU A 288 17.37 7.41 -1.25
C LEU A 288 18.52 7.47 -0.27
N PRO A 289 18.97 8.67 0.13
CA PRO A 289 18.40 9.96 -0.33
C PRO A 289 18.92 10.48 -1.67
N HIS A 290 19.82 9.76 -2.34
CA HIS A 290 20.47 10.27 -3.57
C HIS A 290 19.42 10.75 -4.58
N TRP A 291 18.46 9.91 -4.93
CA TRP A 291 17.48 10.30 -5.98
C TRP A 291 16.76 11.58 -5.58
N ALA A 292 16.37 11.68 -4.32
CA ALA A 292 15.67 12.89 -3.85
C ALA A 292 16.58 14.11 -4.01
N LYS A 293 17.85 13.98 -3.66
CA LYS A 293 18.78 15.12 -3.81
C LYS A 293 18.85 15.51 -5.29
N VAL A 294 19.04 14.54 -6.17
CA VAL A 294 19.23 14.89 -7.59
C VAL A 294 18.00 15.62 -8.12
N VAL A 295 16.80 15.11 -7.86
CA VAL A 295 15.60 15.70 -8.46
C VAL A 295 15.23 17.00 -7.73
N LEU A 296 15.19 16.98 -6.41
CA LEU A 296 14.51 18.05 -5.65
C LEU A 296 15.42 19.25 -5.44
N THR A 297 16.72 19.13 -5.70
CA THR A 297 17.60 20.32 -5.62
C THR A 297 17.57 21.12 -6.94
N ASP A 298 16.86 20.64 -7.95
CA ASP A 298 16.64 21.39 -9.20
C ASP A 298 15.30 22.07 -9.04
N PRO A 299 15.23 23.40 -8.88
CA PRO A 299 13.95 24.02 -8.57
C PRO A 299 12.92 23.84 -9.70
N GLU A 300 13.37 23.63 -10.94
N GLU A 300 13.38 23.69 -10.94
CA GLU A 300 12.42 23.52 -12.07
CA GLU A 300 12.49 23.49 -12.12
C GLU A 300 11.84 22.10 -12.14
C GLU A 300 11.78 22.14 -11.99
N ALA A 301 12.46 21.11 -11.50
CA ALA A 301 11.84 19.79 -11.27
C ALA A 301 11.03 19.83 -9.97
N ALA A 302 11.60 20.40 -8.92
CA ALA A 302 10.98 20.31 -7.58
C ALA A 302 9.58 20.93 -7.59
N LYS A 303 9.36 21.96 -8.38
N LYS A 303 9.34 21.96 -8.39
CA LYS A 303 8.05 22.66 -8.38
CA LYS A 303 8.05 22.68 -8.36
C LYS A 303 6.92 21.74 -8.84
C LYS A 303 6.94 21.84 -8.99
N TYR A 304 7.25 20.65 -9.52
CA TYR A 304 6.22 19.72 -10.04
C TYR A 304 6.11 18.47 -9.18
N VAL A 305 7.01 18.23 -8.23
CA VAL A 305 7.03 16.95 -7.48
C VAL A 305 6.31 17.12 -6.16
N HIS A 306 5.23 16.39 -5.99
CA HIS A 306 4.42 16.42 -4.75
C HIS A 306 5.01 15.49 -3.69
N GLY A 307 5.56 14.38 -4.10
CA GLY A 307 6.00 13.37 -3.14
C GLY A 307 6.97 12.41 -3.76
N ILE A 308 7.47 11.54 -2.89
CA ILE A 308 8.45 10.49 -3.22
C ILE A 308 7.79 9.15 -2.90
N ALA A 309 7.60 8.33 -3.93
CA ALA A 309 7.02 6.99 -3.79
C ALA A 309 8.15 5.98 -3.58
N VAL A 310 7.99 5.12 -2.57
N VAL A 310 7.96 5.11 -2.59
CA VAL A 310 9.00 4.09 -2.22
CA VAL A 310 8.96 4.10 -2.19
C VAL A 310 8.38 2.71 -2.27
C VAL A 310 8.35 2.71 -2.34
N HIS A 311 9.17 1.74 -2.72
CA HIS A 311 8.81 0.32 -2.74
C HIS A 311 9.55 -0.42 -1.64
N TRP A 312 8.92 -1.52 -1.20
CA TRP A 312 9.46 -2.51 -0.23
C TRP A 312 9.46 -3.90 -0.84
N TYR A 313 10.63 -4.55 -0.88
CA TYR A 313 10.84 -5.89 -1.46
C TYR A 313 12.15 -6.46 -0.92
N LEU A 314 12.07 -7.55 -0.16
CA LEU A 314 13.21 -8.28 0.45
C LEU A 314 13.88 -7.44 1.54
N ASP A 315 13.25 -6.35 2.00
CA ASP A 315 13.82 -5.43 3.02
C ASP A 315 12.74 -4.95 3.99
N PHE A 316 11.73 -5.77 4.28
CA PHE A 316 10.60 -5.39 5.15
C PHE A 316 11.07 -5.17 6.59
N LEU A 317 12.14 -5.85 7.00
N LEU A 317 12.15 -5.84 7.00
CA LEU A 317 12.70 -5.76 8.38
CA LEU A 317 12.70 -5.78 8.39
C LEU A 317 13.98 -4.94 8.38
C LEU A 317 13.88 -4.80 8.44
N ALA A 318 14.22 -4.15 7.32
CA ALA A 318 15.37 -3.24 7.21
C ALA A 318 15.15 -2.01 8.08
N PRO A 319 16.25 -1.43 8.61
CA PRO A 319 16.24 -0.11 9.20
C PRO A 319 16.12 0.95 8.10
N ALA A 320 15.42 2.03 8.42
CA ALA A 320 14.94 3.05 7.47
C ALA A 320 15.60 4.40 7.75
N LYS A 321 16.42 4.52 8.80
CA LYS A 321 16.95 5.85 9.18
C LYS A 321 17.78 6.45 8.05
N ALA A 322 18.65 5.65 7.43
CA ALA A 322 19.64 6.13 6.42
C ALA A 322 18.95 6.51 5.12
N THR A 323 17.75 6.01 4.86
CA THR A 323 17.04 6.19 3.57
C THR A 323 15.84 7.11 3.81
N LEU A 324 14.77 6.58 4.38
CA LEU A 324 13.56 7.39 4.68
C LEU A 324 13.92 8.52 5.66
N GLY A 325 14.61 8.21 6.75
CA GLY A 325 14.91 9.24 7.76
C GLY A 325 15.69 10.39 7.17
N GLU A 326 16.74 10.09 6.43
N GLU A 326 16.74 10.09 6.42
CA GLU A 326 17.62 11.14 5.85
CA GLU A 326 17.63 11.14 5.87
C GLU A 326 16.83 11.93 4.81
C GLU A 326 16.91 11.91 4.76
N THR A 327 16.01 11.26 4.00
CA THR A 327 15.21 11.94 2.98
C THR A 327 14.23 12.92 3.64
N HIS A 328 13.56 12.48 4.69
CA HIS A 328 12.67 13.39 5.41
C HIS A 328 13.46 14.57 6.00
N ARG A 329 14.62 14.30 6.59
CA ARG A 329 15.44 15.37 7.20
C ARG A 329 15.76 16.43 6.14
N LEU A 330 16.17 16.00 4.95
CA LEU A 330 16.60 16.92 3.88
C LEU A 330 15.43 17.61 3.20
N PHE A 331 14.32 16.90 3.03
CA PHE A 331 13.17 17.38 2.22
C PHE A 331 11.90 17.13 2.99
N PRO A 332 11.71 17.75 4.17
CA PRO A 332 10.58 17.38 5.02
C PRO A 332 9.22 17.73 4.42
N ASN A 333 9.16 18.67 3.48
CA ASN A 333 7.87 19.11 2.89
C ASN A 333 7.54 18.35 1.62
N THR A 334 8.32 17.35 1.25
CA THR A 334 7.99 16.44 0.14
C THR A 334 7.60 15.12 0.75
N MET A 335 6.31 14.81 0.70
N MET A 335 6.31 14.80 0.73
CA MET A 335 5.81 13.61 1.40
CA MET A 335 5.77 13.64 1.47
C MET A 335 6.49 12.35 0.87
C MET A 335 6.33 12.33 0.89
N LEU A 336 6.65 11.40 1.78
CA LEU A 336 7.05 10.02 1.45
C LEU A 336 5.82 9.15 1.48
N PHE A 337 5.71 8.27 0.50
CA PHE A 337 4.52 7.42 0.35
C PHE A 337 4.99 6.05 -0.12
N ALA A 338 4.57 4.99 0.55
CA ALA A 338 4.96 3.63 0.11
C ALA A 338 3.93 3.16 -0.92
N SER A 339 4.37 3.04 -2.17
CA SER A 339 3.46 2.77 -3.30
C SER A 339 3.43 1.30 -3.71
N GLU A 340 4.29 0.45 -3.15
CA GLU A 340 4.28 -0.97 -3.54
C GLU A 340 5.10 -1.76 -2.54
N ALA A 341 4.51 -2.83 -2.06
CA ALA A 341 5.19 -3.79 -1.17
C ALA A 341 4.73 -5.18 -1.53
N CYS A 342 5.63 -6.13 -1.46
CA CYS A 342 5.25 -7.55 -1.63
C CYS A 342 6.32 -8.41 -1.00
N VAL A 343 5.91 -9.61 -0.64
N VAL A 343 5.96 -9.64 -0.70
CA VAL A 343 6.85 -10.66 -0.16
CA VAL A 343 6.92 -10.60 -0.11
C VAL A 343 7.20 -11.50 -1.36
C VAL A 343 7.24 -11.64 -1.17
N GLY A 344 8.51 -11.62 -1.60
CA GLY A 344 9.08 -12.52 -2.61
C GLY A 344 9.76 -13.71 -1.96
N SER A 345 9.84 -14.81 -2.70
N SER A 345 9.83 -14.80 -2.71
CA SER A 345 10.53 -16.06 -2.28
CA SER A 345 10.50 -16.07 -2.34
C SER A 345 11.84 -16.19 -3.07
C SER A 345 11.88 -16.13 -3.01
N LYS A 346 12.72 -17.10 -2.62
CA LYS A 346 13.99 -17.39 -3.32
C LYS A 346 13.58 -18.02 -4.65
N PHE A 347 14.44 -17.92 -5.66
CA PHE A 347 14.07 -18.22 -7.07
C PHE A 347 13.56 -19.67 -7.19
N TRP A 348 13.98 -20.59 -6.31
CA TRP A 348 13.61 -22.03 -6.39
C TRP A 348 12.37 -22.34 -5.54
N GLU A 349 11.91 -21.38 -4.74
CA GLU A 349 10.84 -21.59 -3.75
C GLU A 349 9.47 -21.22 -4.35
N GLN A 350 8.42 -21.89 -3.88
CA GLN A 350 7.02 -21.48 -4.18
C GLN A 350 6.76 -20.07 -3.62
N SER A 351 5.98 -19.30 -4.34
CA SER A 351 5.75 -17.89 -4.04
C SER A 351 4.68 -17.65 -2.97
N VAL A 352 3.67 -18.52 -2.87
CA VAL A 352 2.53 -18.33 -1.95
C VAL A 352 2.72 -19.28 -0.78
N ARG A 353 2.64 -18.75 0.43
N ARG A 353 2.58 -18.77 0.43
CA ARG A 353 2.67 -19.56 1.67
CA ARG A 353 2.68 -19.61 1.65
C ARG A 353 1.34 -19.37 2.37
C ARG A 353 1.39 -19.45 2.46
N LEU A 354 0.39 -20.27 2.15
CA LEU A 354 -0.94 -20.10 2.74
C LEU A 354 -0.86 -20.23 4.26
N GLY A 355 -1.17 -19.14 4.95
CA GLY A 355 -1.23 -19.12 6.41
C GLY A 355 0.09 -18.75 7.08
N SER A 356 1.03 -18.18 6.35
CA SER A 356 2.31 -17.75 6.97
C SER A 356 2.09 -16.54 7.90
N TRP A 357 2.23 -16.75 9.20
CA TRP A 357 2.22 -15.62 10.14
C TRP A 357 3.45 -14.74 9.92
N ASP A 358 4.60 -15.33 9.60
N ASP A 358 4.60 -15.33 9.58
CA ASP A 358 5.83 -14.54 9.39
CA ASP A 358 5.84 -14.54 9.39
C ASP A 358 5.58 -13.47 8.32
C ASP A 358 5.61 -13.48 8.32
N ARG A 359 4.91 -13.83 7.23
CA ARG A 359 4.68 -12.83 6.15
C ARG A 359 3.72 -11.75 6.62
N GLY A 360 2.75 -12.10 7.47
CA GLY A 360 1.92 -11.07 8.10
C GLY A 360 2.76 -10.11 8.92
N MET A 361 3.62 -10.65 9.78
CA MET A 361 4.49 -9.80 10.61
C MET A 361 5.41 -8.94 9.74
N GLN A 362 5.86 -9.43 8.58
CA GLN A 362 6.67 -8.58 7.69
C GLN A 362 5.85 -7.36 7.26
N TYR A 363 4.60 -7.54 6.91
CA TYR A 363 3.73 -6.42 6.49
C TYR A 363 3.60 -5.43 7.64
N SER A 364 3.17 -5.88 8.82
CA SER A 364 2.91 -4.92 9.89
C SER A 364 4.22 -4.28 10.37
N HIS A 365 5.31 -5.03 10.45
CA HIS A 365 6.59 -4.39 10.83
C HIS A 365 6.96 -3.32 9.82
N SER A 366 6.79 -3.59 8.54
CA SER A 366 7.07 -2.58 7.49
C SER A 366 6.18 -1.36 7.66
N ILE A 367 4.89 -1.57 7.87
CA ILE A 367 3.98 -0.40 7.97
C ILE A 367 4.40 0.44 9.17
N ILE A 368 4.66 -0.20 10.31
CA ILE A 368 5.09 0.57 11.52
C ILE A 368 6.39 1.32 11.21
N THR A 369 7.37 0.65 10.63
CA THR A 369 8.67 1.30 10.34
C THR A 369 8.44 2.51 9.42
N ASN A 370 7.63 2.32 8.39
CA ASN A 370 7.33 3.42 7.45
C ASN A 370 6.67 4.56 8.23
N LEU A 371 5.66 4.28 9.02
CA LEU A 371 4.98 5.37 9.76
C LEU A 371 5.95 6.07 10.71
N LEU A 372 6.86 5.35 11.34
CA LEU A 372 7.81 5.98 12.29
C LEU A 372 8.87 6.83 11.57
N TYR A 373 8.99 6.69 10.26
CA TYR A 373 9.90 7.51 9.43
C TYR A 373 9.11 8.38 8.45
N HIS A 374 7.93 8.85 8.87
N HIS A 374 7.95 8.86 8.90
CA HIS A 374 7.23 10.00 8.23
CA HIS A 374 7.16 9.98 8.29
C HIS A 374 6.40 9.58 7.03
C HIS A 374 6.48 9.58 6.99
N VAL A 375 6.36 8.30 6.68
CA VAL A 375 5.64 7.87 5.46
C VAL A 375 4.14 8.03 5.67
N VAL A 376 3.44 8.53 4.65
CA VAL A 376 2.01 8.94 4.79
C VAL A 376 1.05 7.87 4.31
N GLY A 377 1.52 6.79 3.72
CA GLY A 377 0.59 5.75 3.30
C GLY A 377 1.35 4.53 2.84
N TRP A 378 0.64 3.43 2.68
CA TRP A 378 1.29 2.15 2.40
C TRP A 378 0.37 1.35 1.48
N THR A 379 0.93 0.95 0.36
CA THR A 379 0.18 0.30 -0.72
C THR A 379 0.74 -1.08 -1.01
N ASP A 380 -0.12 -2.07 -0.87
CA ASP A 380 0.23 -3.44 -1.27
C ASP A 380 0.33 -3.53 -2.78
N TRP A 381 0.92 -4.64 -3.24
CA TRP A 381 0.96 -5.00 -4.66
C TRP A 381 -0.34 -5.70 -5.02
N ASN A 382 -0.31 -6.76 -5.82
CA ASN A 382 -1.54 -7.39 -6.33
C ASN A 382 -2.58 -7.57 -5.22
N LEU A 383 -3.81 -7.16 -5.49
CA LEU A 383 -4.90 -7.36 -4.53
C LEU A 383 -5.23 -8.85 -4.34
N ALA A 384 -5.04 -9.67 -5.37
CA ALA A 384 -5.33 -11.10 -5.27
C ALA A 384 -4.49 -11.83 -6.30
N LEU A 385 -4.07 -13.03 -5.94
CA LEU A 385 -3.34 -13.92 -6.85
C LEU A 385 -3.91 -15.33 -6.74
N ASN A 386 -3.51 -16.20 -7.66
CA ASN A 386 -3.85 -17.63 -7.58
C ASN A 386 -2.84 -18.32 -6.68
N PRO A 387 -3.02 -19.64 -6.41
CA PRO A 387 -2.13 -20.31 -5.46
C PRO A 387 -0.69 -20.48 -5.93
N GLU A 388 -0.43 -20.29 -7.22
CA GLU A 388 0.93 -20.25 -7.79
C GLU A 388 1.55 -18.86 -7.63
N GLY A 389 0.76 -17.85 -7.25
CA GLY A 389 1.27 -16.48 -7.19
C GLY A 389 1.20 -15.77 -8.52
N GLY A 390 0.26 -16.19 -9.36
CA GLY A 390 0.08 -15.66 -10.70
C GLY A 390 -1.35 -15.28 -11.00
N PRO A 391 -1.70 -15.08 -12.28
N PRO A 391 -1.71 -15.16 -12.31
CA PRO A 391 -0.78 -15.29 -13.41
CA PRO A 391 -0.75 -15.39 -13.40
C PRO A 391 0.29 -14.19 -13.55
C PRO A 391 0.18 -14.21 -13.71
N ASN A 392 1.35 -14.51 -14.31
CA ASN A 392 2.49 -13.57 -14.50
C ASN A 392 3.26 -14.07 -15.72
N TRP A 393 3.36 -13.26 -16.80
CA TRP A 393 3.84 -13.74 -18.13
C TRP A 393 5.32 -14.11 -18.06
N VAL A 394 6.08 -13.69 -17.05
CA VAL A 394 7.51 -14.10 -16.87
C VAL A 394 7.70 -14.96 -15.60
N ARG A 395 6.63 -15.45 -15.02
CA ARG A 395 6.69 -16.37 -13.85
C ARG A 395 7.40 -15.70 -12.67
N ASN A 396 7.28 -14.39 -12.55
CA ASN A 396 7.81 -13.60 -11.40
C ASN A 396 6.74 -13.59 -10.33
N PHE A 397 6.41 -14.77 -9.83
CA PHE A 397 5.30 -15.00 -8.87
C PHE A 397 5.71 -14.42 -7.51
N VAL A 398 4.72 -13.97 -6.75
N VAL A 398 4.72 -13.91 -6.77
CA VAL A 398 4.92 -13.45 -5.36
CA VAL A 398 4.93 -13.38 -5.39
C VAL A 398 3.69 -13.82 -4.59
C VAL A 398 3.78 -13.94 -4.54
N ASP A 399 3.66 -13.48 -3.29
CA ASP A 399 2.45 -13.77 -2.47
C ASP A 399 1.49 -12.58 -2.55
N SER A 400 0.29 -12.76 -2.05
CA SER A 400 -0.72 -11.70 -1.99
C SER A 400 -1.57 -11.95 -0.77
N PRO A 401 -2.19 -10.90 -0.19
CA PRO A 401 -3.04 -11.11 0.98
C PRO A 401 -4.30 -11.93 0.73
N ILE A 402 -4.76 -12.01 -0.52
CA ILE A 402 -5.93 -12.84 -0.87
C ILE A 402 -5.51 -13.77 -1.99
N ILE A 403 -5.77 -15.05 -1.80
CA ILE A 403 -5.44 -16.10 -2.78
C ILE A 403 -6.75 -16.73 -3.22
N VAL A 404 -6.96 -16.69 -4.53
CA VAL A 404 -8.21 -17.22 -5.15
C VAL A 404 -7.97 -18.65 -5.61
N ASP A 405 -8.85 -19.59 -5.25
N ASP A 405 -8.96 -19.49 -5.33
CA ASP A 405 -8.85 -20.95 -5.85
CA ASP A 405 -8.97 -20.94 -5.63
C ASP A 405 -10.14 -21.12 -6.65
C ASP A 405 -10.12 -21.21 -6.61
N ILE A 406 -10.03 -20.96 -7.96
N ILE A 406 -9.89 -20.97 -7.90
CA ILE A 406 -11.21 -20.89 -8.88
CA ILE A 406 -10.94 -20.94 -8.97
C ILE A 406 -11.82 -22.28 -9.00
C ILE A 406 -11.76 -22.23 -8.89
N THR A 407 -11.05 -23.34 -8.73
CA THR A 407 -11.62 -24.71 -8.83
C THR A 407 -12.58 -25.00 -7.68
N LYS A 408 -12.59 -24.20 -6.61
N LYS A 408 -12.58 -24.17 -6.64
CA LYS A 408 -13.51 -24.39 -5.46
CA LYS A 408 -13.42 -24.35 -5.42
C LYS A 408 -14.34 -23.13 -5.21
C LYS A 408 -14.36 -23.15 -5.24
N ASP A 409 -14.32 -22.16 -6.13
CA ASP A 409 -15.02 -20.87 -5.94
C ASP A 409 -14.79 -20.35 -4.51
N THR A 410 -13.53 -20.34 -4.11
CA THR A 410 -13.09 -20.03 -2.74
C THR A 410 -11.97 -19.02 -2.81
N PHE A 411 -11.87 -18.20 -1.77
CA PHE A 411 -10.65 -17.38 -1.63
C PHE A 411 -10.22 -17.47 -0.17
N TYR A 412 -8.93 -17.26 0.01
CA TYR A 412 -8.22 -17.42 1.29
C TYR A 412 -7.64 -16.07 1.68
N LYS A 413 -8.01 -15.61 2.87
CA LYS A 413 -7.47 -14.35 3.42
C LYS A 413 -6.28 -14.71 4.30
N GLN A 414 -5.10 -14.29 3.84
CA GLN A 414 -3.83 -14.60 4.49
C GLN A 414 -3.61 -13.78 5.75
N PRO A 415 -2.69 -14.20 6.62
CA PRO A 415 -2.32 -13.32 7.73
C PRO A 415 -1.95 -11.90 7.28
N MET A 416 -1.30 -11.75 6.12
N MET A 416 -1.31 -11.77 6.11
CA MET A 416 -0.99 -10.40 5.61
CA MET A 416 -0.97 -10.46 5.51
C MET A 416 -2.24 -9.53 5.53
C MET A 416 -2.20 -9.55 5.47
N PHE A 417 -3.38 -10.08 5.12
CA PHE A 417 -4.62 -9.29 5.01
C PHE A 417 -4.92 -8.64 6.36
N TYR A 418 -4.88 -9.44 7.42
CA TYR A 418 -5.27 -8.97 8.76
C TYR A 418 -4.20 -8.02 9.31
N HIS A 419 -2.93 -8.31 9.09
CA HIS A 419 -1.85 -7.40 9.53
C HIS A 419 -2.03 -6.04 8.87
N LEU A 420 -2.35 -5.98 7.58
N LEU A 420 -2.30 -6.01 7.56
CA LEU A 420 -2.58 -4.67 6.91
CA LEU A 420 -2.66 -4.76 6.84
C LEU A 420 -3.86 -4.07 7.51
C LEU A 420 -3.83 -4.10 7.56
N GLY A 421 -4.89 -4.87 7.74
CA GLY A 421 -6.18 -4.33 8.20
C GLY A 421 -6.09 -3.72 9.59
N HIS A 422 -5.16 -4.17 10.42
CA HIS A 422 -4.92 -3.58 11.76
C HIS A 422 -4.57 -2.10 11.64
N PHE A 423 -4.08 -1.69 10.47
CA PHE A 423 -3.81 -0.27 10.16
C PHE A 423 -4.95 0.30 9.32
N SER A 424 -5.23 -0.30 8.17
CA SER A 424 -6.14 0.34 7.20
C SER A 424 -7.52 0.57 7.80
N LYS A 425 -8.01 -0.36 8.60
CA LYS A 425 -9.40 -0.25 9.09
C LYS A 425 -9.50 0.88 10.11
N PHE A 426 -8.41 1.15 10.81
CA PHE A 426 -8.43 1.96 12.05
C PHE A 426 -7.68 3.28 11.95
N ILE A 427 -7.18 3.60 10.77
CA ILE A 427 -6.39 4.83 10.55
C ILE A 427 -6.95 5.51 9.31
N PRO A 428 -8.02 6.30 9.49
CA PRO A 428 -8.64 6.98 8.35
C PRO A 428 -7.72 8.06 7.80
N GLU A 429 -7.97 8.40 6.54
CA GLU A 429 -7.24 9.50 5.89
C GLU A 429 -7.37 10.76 6.75
N GLY A 430 -6.23 11.42 6.94
CA GLY A 430 -6.15 12.63 7.75
C GLY A 430 -5.74 12.36 9.18
N SER A 431 -5.67 11.10 9.60
CA SER A 431 -5.09 10.74 10.91
C SER A 431 -3.67 11.27 10.96
N GLN A 432 -3.17 11.52 12.15
CA GLN A 432 -1.83 12.11 12.31
C GLN A 432 -1.04 11.28 13.31
N ARG A 433 0.18 10.89 12.93
N ARG A 433 0.18 10.90 12.93
CA ARG A 433 1.05 10.20 13.91
CA ARG A 433 1.05 10.19 13.89
C ARG A 433 1.36 11.16 15.04
C ARG A 433 1.40 11.15 15.04
N VAL A 434 1.35 10.63 16.26
CA VAL A 434 1.75 11.42 17.44
C VAL A 434 2.85 10.66 18.17
N GLY A 435 3.44 11.30 19.17
CA GLY A 435 4.53 10.67 19.90
C GLY A 435 4.07 9.48 20.70
N LEU A 436 4.96 8.52 20.85
CA LEU A 436 4.74 7.35 21.71
C LEU A 436 6.11 6.93 22.19
N VAL A 437 6.33 6.97 23.51
N VAL A 437 6.36 7.02 23.48
CA VAL A 437 7.65 6.77 24.17
CA VAL A 437 7.69 6.65 24.02
C VAL A 437 7.57 5.56 25.12
C VAL A 437 7.52 5.45 24.94
N ALA A 438 8.60 4.73 25.10
CA ALA A 438 8.69 3.52 25.94
C ALA A 438 9.53 3.81 27.17
N SER A 439 9.09 3.29 28.32
CA SER A 439 9.77 3.48 29.61
C SER A 439 11.04 2.62 29.69
N GLN A 440 11.16 1.57 28.88
CA GLN A 440 12.31 0.64 28.95
C GLN A 440 12.47 -0.03 27.59
N LYS A 441 13.67 -0.55 27.36
CA LYS A 441 14.02 -1.29 26.14
C LYS A 441 13.03 -2.46 26.02
N ASN A 442 12.53 -2.71 24.81
CA ASN A 442 11.52 -3.77 24.60
C ASN A 442 11.60 -4.26 23.17
N ASP A 443 10.96 -5.40 22.92
CA ASP A 443 10.99 -6.11 21.62
C ASP A 443 9.77 -5.76 20.78
N LEU A 444 8.87 -4.89 21.24
CA LEU A 444 7.61 -4.61 20.51
C LEU A 444 7.85 -3.56 19.43
N ASP A 445 6.97 -3.56 18.45
CA ASP A 445 6.87 -2.49 17.43
C ASP A 445 5.55 -1.79 17.69
N ALA A 446 5.54 -0.48 17.79
CA ALA A 446 4.30 0.23 18.10
C ALA A 446 4.27 1.60 17.44
N VAL A 447 3.06 2.07 17.19
CA VAL A 447 2.84 3.42 16.64
C VAL A 447 1.53 3.94 17.20
N ALA A 448 1.50 5.24 17.44
CA ALA A 448 0.29 5.95 17.92
C ALA A 448 -0.11 7.02 16.93
N LEU A 449 -1.41 7.17 16.72
CA LEU A 449 -1.94 8.24 15.87
C LEU A 449 -3.20 8.79 16.52
N MET A 450 -3.54 10.00 16.08
N MET A 450 -3.57 9.98 16.05
CA MET A 450 -4.83 10.66 16.40
CA MET A 450 -4.87 10.55 16.40
C MET A 450 -5.68 10.70 15.14
C MET A 450 -5.70 10.77 15.16
N HIS A 451 -6.93 10.29 15.23
CA HIS A 451 -7.90 10.49 14.15
C HIS A 451 -8.19 11.96 13.97
N PRO A 452 -8.72 12.35 12.80
CA PRO A 452 -9.13 13.75 12.59
C PRO A 452 -10.05 14.27 13.69
N ASP A 453 -10.91 13.41 14.25
CA ASP A 453 -11.91 13.81 15.28
C ASP A 453 -11.27 13.87 16.66
N GLY A 454 -9.98 13.56 16.80
CA GLY A 454 -9.30 13.68 18.09
C GLY A 454 -9.22 12.38 18.90
N SER A 455 -9.76 11.29 18.36
N SER A 455 -9.78 11.27 18.41
CA SER A 455 -9.69 9.95 18.99
CA SER A 455 -9.68 9.98 19.12
C SER A 455 -8.26 9.39 18.87
C SER A 455 -8.32 9.33 18.83
N ALA A 456 -7.94 8.39 19.69
CA ALA A 456 -6.62 7.75 19.69
C ALA A 456 -6.67 6.37 19.07
N VAL A 457 -5.59 6.02 18.40
CA VAL A 457 -5.35 4.66 17.89
C VAL A 457 -3.89 4.30 18.14
N VAL A 458 -3.65 3.09 18.65
CA VAL A 458 -2.29 2.57 18.86
C VAL A 458 -2.26 1.15 18.30
N VAL A 459 -1.24 0.87 17.50
CA VAL A 459 -0.98 -0.51 17.02
C VAL A 459 0.25 -1.02 17.73
N VAL A 460 0.12 -2.25 18.25
CA VAL A 460 1.24 -2.93 18.97
C VAL A 460 1.45 -4.30 18.34
N LEU A 461 2.62 -4.49 17.77
CA LEU A 461 3.05 -5.77 17.17
C LEU A 461 4.11 -6.41 18.05
N ASN A 462 3.93 -7.70 18.31
CA ASN A 462 4.92 -8.51 19.04
C ASN A 462 5.40 -9.63 18.12
N ARG A 463 6.59 -9.45 17.55
CA ARG A 463 7.21 -10.45 16.65
C ARG A 463 8.02 -11.47 17.45
N SER A 464 8.05 -11.33 18.78
CA SER A 464 8.78 -12.27 19.65
C SER A 464 7.83 -13.38 20.07
N SER A 465 8.40 -14.45 20.60
CA SER A 465 7.61 -15.58 21.15
C SER A 465 7.14 -15.31 22.57
N LYS A 466 7.55 -14.20 23.20
N LYS A 466 7.58 -14.20 23.18
CA LYS A 466 7.38 -13.97 24.65
CA LYS A 466 7.37 -13.91 24.63
C LYS A 466 6.26 -12.95 24.89
C LYS A 466 6.16 -12.99 24.79
N ASP A 467 5.27 -13.31 25.72
CA ASP A 467 4.16 -12.44 26.12
C ASP A 467 4.76 -11.26 26.88
N VAL A 468 4.28 -10.05 26.59
CA VAL A 468 4.79 -8.81 27.22
C VAL A 468 3.61 -8.08 27.84
N PRO A 469 3.45 -8.11 29.18
CA PRO A 469 2.48 -7.25 29.84
C PRO A 469 2.93 -5.81 29.60
N LEU A 470 1.98 -4.91 29.43
N LEU A 470 1.97 -4.92 29.40
CA LEU A 470 2.35 -3.49 29.29
CA LEU A 470 2.31 -3.50 29.20
C LEU A 470 1.15 -2.62 29.56
C LEU A 470 1.13 -2.61 29.57
N THR A 471 1.46 -1.35 29.74
CA THR A 471 0.52 -0.30 30.09
C THR A 471 0.67 0.78 29.02
N ILE A 472 -0.44 1.32 28.57
CA ILE A 472 -0.44 2.50 27.68
C ILE A 472 -0.99 3.68 28.48
N LYS A 473 -0.26 4.78 28.51
CA LYS A 473 -0.71 6.02 29.19
C LYS A 473 -1.13 7.06 28.16
N ASP A 474 -2.35 7.57 28.32
CA ASP A 474 -2.78 8.79 27.63
C ASP A 474 -2.95 9.83 28.72
N PRO A 475 -2.14 10.89 28.74
CA PRO A 475 -2.20 11.85 29.83
C PRO A 475 -3.59 12.45 30.08
N ALA A 476 -4.50 12.45 29.10
CA ALA A 476 -5.85 13.08 29.21
C ALA A 476 -6.90 12.11 29.79
N VAL A 477 -6.62 10.81 29.74
N VAL A 477 -6.74 10.78 29.64
CA VAL A 477 -7.67 9.78 29.96
CA VAL A 477 -7.77 9.81 30.12
C VAL A 477 -7.22 8.83 31.07
C VAL A 477 -7.20 8.89 31.18
N GLY A 478 -5.93 8.47 31.07
CA GLY A 478 -5.39 7.51 32.06
C GLY A 478 -4.69 6.37 31.39
N PHE A 479 -4.77 5.22 32.04
CA PHE A 479 -3.90 4.06 31.77
C PHE A 479 -4.72 2.86 31.30
N LEU A 480 -4.24 2.25 30.23
CA LEU A 480 -4.76 0.97 29.70
C LEU A 480 -3.82 -0.13 30.16
N GLU A 481 -4.32 -1.05 30.99
CA GLU A 481 -3.52 -2.22 31.43
C GLU A 481 -3.78 -3.35 30.44
N THR A 482 -2.74 -3.80 29.77
CA THR A 482 -2.95 -4.83 28.73
C THR A 482 -1.81 -5.83 28.71
N ILE A 483 -1.83 -6.63 27.67
N ILE A 483 -1.82 -6.71 27.73
CA ILE A 483 -0.84 -7.69 27.45
CA ILE A 483 -0.71 -7.68 27.54
C ILE A 483 -0.67 -7.75 25.93
C ILE A 483 -0.66 -8.01 26.05
N SER A 484 0.56 -7.94 25.50
CA SER A 484 0.87 -8.21 24.09
C SER A 484 1.38 -9.64 24.01
N PRO A 485 0.53 -10.61 23.63
CA PRO A 485 1.00 -11.99 23.57
C PRO A 485 2.08 -12.14 22.50
N GLY A 486 2.97 -13.10 22.68
CA GLY A 486 3.94 -13.48 21.65
C GLY A 486 3.20 -13.72 20.34
N TYR A 487 3.75 -13.28 19.24
CA TYR A 487 3.15 -13.54 17.90
C TYR A 487 1.71 -13.04 17.84
N SER A 488 1.52 -11.78 18.26
CA SER A 488 0.22 -11.10 18.18
C SER A 488 0.38 -9.72 17.54
N ILE A 489 -0.75 -9.20 17.12
CA ILE A 489 -0.86 -7.78 16.75
C ILE A 489 -2.17 -7.29 17.32
N HIS A 490 -2.11 -6.11 17.93
CA HIS A 490 -3.28 -5.46 18.54
C HIS A 490 -3.46 -4.06 17.95
N THR A 491 -4.71 -3.65 17.77
CA THR A 491 -5.05 -2.24 17.58
C THR A 491 -5.95 -1.81 18.73
N TYR A 492 -5.55 -0.74 19.42
CA TYR A 492 -6.30 -0.14 20.53
C TYR A 492 -6.93 1.15 20.01
N LEU A 493 -8.18 1.38 20.42
N LEU A 493 -8.18 1.41 20.35
CA LEU A 493 -8.97 2.59 20.10
CA LEU A 493 -8.84 2.68 20.01
C LEU A 493 -9.50 3.17 21.39
C LEU A 493 -9.60 3.19 21.24
N TRP A 494 -9.52 4.48 21.50
CA TRP A 494 -10.30 5.09 22.58
C TRP A 494 -10.63 6.53 22.26
N ARG A 495 -11.74 6.94 22.84
N ARG A 495 -11.78 6.99 22.72
CA ARG A 495 -12.14 8.36 22.89
CA ARG A 495 -12.10 8.44 22.65
C ARG A 495 -11.24 9.09 23.88
C ARG A 495 -11.38 9.13 23.82
N ARG A 496 -10.93 10.34 23.58
CA ARG A 496 -10.10 11.15 24.51
C ARG A 496 -10.94 12.16 25.29
N GLN A 497 -12.22 12.25 24.96
CA GLN A 497 -13.19 13.17 25.60
C GLN A 497 -14.59 12.67 25.26
C1 NAG B . -18.96 -21.81 2.18
C2 NAG B . -19.25 -23.31 2.03
C3 NAG B . -20.39 -23.67 2.97
C4 NAG B . -20.05 -23.26 4.39
C5 NAG B . -19.49 -21.84 4.50
C6 NAG B . -18.83 -21.55 5.84
C7 NAG B . -19.10 -24.76 0.05
C8 NAG B . -19.71 -25.04 -1.31
N2 NAG B . -19.63 -23.72 0.67
O3 NAG B . -20.63 -25.07 2.90
O4 NAG B . -21.20 -23.28 5.24
O5 NAG B . -18.50 -21.63 3.51
O6 NAG B . -17.74 -22.41 6.13
O7 NAG B . -18.20 -25.46 0.52
H1 NAG B . -19.91 -21.28 2.06
H2 NAG B . -18.36 -23.87 2.36
H3 NAG B . -21.29 -23.11 2.66
H4 NAG B . -19.29 -23.95 4.77
H5 NAG B . -20.31 -21.14 4.35
H61 NAG B . -19.58 -21.61 6.63
H62 NAG B . -18.46 -20.51 5.83
H81 NAG B . -19.82 -24.13 -1.84
H82 NAG B . -19.06 -25.69 -1.86
H83 NAG B . -20.65 -25.50 -1.19
HN2 NAG B . -20.36 -23.19 0.23
HO3 NAG B . -21.37 -25.30 3.49
HO4 NAG B . -20.94 -23.08 6.15
HO6 NAG B . -17.36 -22.19 6.99
C1 NAG B . -21.77 -24.47 5.58
C1 NAG B . -21.71 -24.50 5.49
C2 NAG B . -22.40 -24.47 6.96
C2 NAG B . -22.19 -24.47 6.93
C3 NAG B . -22.89 -25.90 7.26
C3 NAG B . -22.89 -25.78 7.32
C4 NAG B . -23.90 -26.29 6.20
C4 NAG B . -23.86 -26.27 6.24
C5 NAG B . -23.38 -26.10 4.77
C5 NAG B . -23.21 -26.18 4.87
C6 NAG B . -24.47 -26.25 3.70
C6 NAG B . -24.09 -26.62 3.71
C7 NAG B . -21.47 -22.75 8.42
C7 NAG B . -20.92 -23.10 8.51
C8 NAG B . -20.38 -22.46 9.42
C8 NAG B . -19.76 -23.11 9.47
N2 NAG B . -21.47 -24.00 7.96
N2 NAG B . -21.06 -24.24 7.80
O3 NAG B . -23.44 -26.04 8.58
O3 NAG B . -23.60 -25.59 8.55
O4 NAG B . -24.21 -27.68 6.36
O4 NAG B . -24.20 -27.64 6.45
O5 NAG B . -22.82 -24.78 4.65
O5 NAG B . -22.82 -24.82 4.67
O6 NAG B . -24.60 -27.63 3.29
O6 NAG B . -23.50 -26.05 2.54
O7 NAG B . -22.27 -21.89 8.07
O7 NAG B . -21.66 -22.14 8.39
H1 NAG B . -21.02 -25.27 5.55
H1 NAG B . -20.98 -25.32 5.42
H2 NAG B . -23.28 -23.80 6.94
H2 NAG B . -22.91 -23.64 7.05
H3 NAG B . -22.02 -26.56 7.18
H3 NAG B . -22.13 -26.55 7.45
H4 NAG B . -24.81 -25.69 6.33
H4 NAG B . -24.77 -25.65 6.25
H5 NAG B . -22.59 -26.85 4.58
H5 NAG B . -22.30 -26.81 4.88
H61 NAG B . -24.20 -25.64 2.83
H61 NAG B . -25.10 -26.25 3.84
H62 NAG B . -25.41 -25.89 4.09
H62 NAG B . -24.10 -27.71 3.63
H81 NAG B . -19.66 -23.22 9.38
H81 NAG B . -18.89 -22.79 8.97
H82 NAG B . -19.93 -21.53 9.18
H82 NAG B . -19.97 -22.47 10.27
H83 NAG B . -20.79 -22.42 10.38
H83 NAG B . -19.60 -24.10 9.83
HN2 NAG B . -20.78 -24.65 8.31
HN2 NAG B . -20.40 -24.99 7.93
HO3 NAG B . -23.70 -26.96 8.73
HO3 NAG B . -23.98 -26.43 8.83
HO4 NAG B . -24.89 -27.94 5.72
HO4 NAG B . -24.80 -27.94 5.76
HO6 NAG B . -25.28 -27.70 2.62
HO6 NAG B . -24.01 -26.30 1.77
C1 BMA B . -25.38 -28.00 6.95
C2 BMA B . -26.42 -28.34 5.88
C3 BMA B . -27.67 -28.87 6.57
C4 BMA B . -27.33 -30.10 7.41
C5 BMA B . -26.27 -29.68 8.42
C6 BMA B . -25.86 -30.82 9.33
O2 BMA B . -25.90 -29.29 4.96
O3 BMA B . -28.63 -29.16 5.55
O4 BMA B . -28.48 -30.61 8.06
O5 BMA B . -25.12 -29.19 7.70
O6 BMA B . -25.60 -31.99 8.55
H1 BMA B . -24.46 -27.68 6.44
H2 BMA B . -26.69 -27.41 5.36
H3 BMA B . -28.07 -28.10 7.23
H4 BMA B . -26.92 -30.87 6.75
H5 BMA B . -26.68 -28.87 9.04
H61 BMA B . -26.66 -31.01 10.04
H62 BMA B . -24.97 -30.54 9.89
HO2 BMA B . -25.11 -28.93 4.55
HO3 BMA B . -28.81 -28.37 5.04
HO4 BMA B . -29.14 -30.86 7.41
HO6 BMA B . -25.76 -31.80 7.62
N GLN C . -12.49 12.26 24.67
CA GLN C . -13.36 13.18 25.38
C GLN C . -14.78 12.80 24.98
O GLN C . -15.61 13.39 25.62
CB GLN C . -13.05 14.61 24.98
CG GLN C . -13.21 14.84 23.48
CD GLN C . -12.23 15.85 22.95
OE1 GLN C . -11.58 15.67 21.92
NE2 GLN C . -12.09 16.94 23.69
H1 GLN C . -11.80 12.75 24.31
H2 GLN C . -13.00 11.88 23.95
H3 GLN C . -12.24 11.56 25.28
HA GLN C . -13.25 13.06 26.34
HB2 GLN C . -13.65 15.21 25.47
HB3 GLN C . -12.13 14.83 25.25
HG2 GLN C . -13.09 13.99 23.01
HG3 GLN C . -14.12 15.16 23.30
HE21 GLN C . -11.52 17.60 23.37
HE22 GLN C . -12.53 17.10 24.42
C1 NAG D . -4.60 5.29 -36.32
C2 NAG D . -5.18 4.18 -37.18
C3 NAG D . -5.61 4.74 -38.54
C4 NAG D . -6.44 6.02 -38.39
C5 NAG D . -5.69 7.01 -37.51
C6 NAG D . -6.49 8.31 -37.34
C7 NAG D . -4.23 1.95 -36.84
C8 NAG D . -3.09 1.05 -37.17
N2 NAG D . -4.16 3.18 -37.36
O3 NAG D . -6.35 3.74 -39.22
O4 NAG D . -6.73 6.59 -39.68
O5 NAG D . -5.47 6.41 -36.24
O6 NAG D . -7.73 8.04 -36.68
O7 NAG D . -5.16 1.59 -36.16
H1 NAG D . -3.67 5.62 -36.81
H2 NAG D . -6.05 3.75 -36.67
H3 NAG D . -4.71 4.99 -39.10
H4 NAG D . -7.38 5.75 -37.90
H5 NAG D . -4.74 7.26 -37.99
H61 NAG D . -6.69 8.75 -38.32
H62 NAG D . -5.91 9.02 -36.75
H81 NAG D . -2.25 1.62 -37.46
H82 NAG D . -2.84 0.46 -36.32
H83 NAG D . -3.36 0.41 -37.96
HN2 NAG D . -3.35 3.42 -37.92
HO3 NAG D . -6.58 4.06 -40.11
HO4 NAG D . -7.29 7.36 -39.56
HO6 NAG D . -8.22 8.87 -36.58
C1 EDO E . -5.56 -10.07 24.90
O1 EDO E . -4.35 -10.74 24.69
C2 EDO E . -5.45 -9.18 26.05
O2 EDO E . -4.55 -8.10 25.84
H11 EDO E . -6.27 -10.73 25.06
H12 EDO E . -5.79 -9.55 24.11
HO1 EDO E . -4.43 -11.26 24.03
H21 EDO E . -5.13 -9.71 26.82
H22 EDO E . -6.33 -8.83 26.27
HO2 EDO E . -3.87 -8.38 25.41
C1 EDO F . -16.76 -9.41 3.54
O1 EDO F . -17.18 -10.50 4.36
C2 EDO F . -16.48 -8.22 4.44
O2 EDO F . -15.33 -8.44 5.27
H11 EDO F . -17.46 -9.18 2.90
H12 EDO F . -15.94 -9.65 3.06
HO1 EDO F . -17.34 -11.17 3.85
H21 EDO F . -17.27 -8.06 5.01
H22 EDO F . -16.34 -7.42 3.88
HO2 EDO F . -15.37 -9.21 5.61
C FMT G . 4.90 20.85 -5.35
O1 FMT G . 6.09 21.02 -5.43
O2 FMT G . 4.20 20.11 -6.15
H FMT G . 4.42 21.29 -4.64
HO2 FMT G . 4.75 19.69 -6.81
C FMT H . -16.88 5.37 -21.75
O1 FMT H . -16.26 5.74 -22.74
O2 FMT H . -17.54 4.27 -21.66
H FMT H . -16.89 5.96 -20.99
HO2 FMT H . -17.46 3.77 -22.47
C1 EDO I . 18.67 6.30 -18.98
C1 EDO I . 19.86 5.96 -19.42
C1 EDO I . 19.19 6.22 -18.69
O1 EDO I . 18.74 7.49 -18.21
O1 EDO I . 19.92 4.56 -19.54
O1 EDO I . 18.47 7.37 -18.29
C2 EDO I . 19.40 6.41 -20.26
C2 EDO I . 18.54 6.42 -18.94
C2 EDO I . 19.50 6.13 -20.14
O2 EDO I . 18.64 7.11 -21.23
O2 EDO I . 18.63 7.58 -18.16
O2 EDO I . 20.44 7.09 -20.55
H11 EDO I . 17.73 6.10 -19.16
H11 EDO I . 20.04 6.37 -20.29
H11 EDO I . 18.67 5.42 -18.44
H12 EDO I . 19.05 5.56 -18.46
H12 EDO I . 20.55 6.26 -18.79
H12 EDO I . 20.03 6.18 -18.19
HO1 EDO I . 18.31 7.38 -17.48
HO1 EDO I . 20.69 4.35 -19.81
HO1 EDO I . 18.33 7.34 -17.45
H21 EDO I . 19.60 5.52 -20.60
H21 EDO I . 18.13 5.71 -18.40
H21 EDO I . 18.68 6.25 -20.65
H22 EDO I . 20.24 6.89 -20.12
H22 EDO I . 17.96 6.60 -19.71
H22 EDO I . 19.86 5.23 -20.33
HO2 EDO I . 17.83 7.11 -21.00
HO2 EDO I . 19.37 7.96 -18.30
HO2 EDO I . 20.65 7.58 -19.88
C FMT J . -2.78 0.38 40.82
O1 FMT J . -1.61 0.34 40.52
O2 FMT J . -3.72 -0.36 40.29
H FMT J . -3.07 1.00 41.49
HO2 FMT J . -3.37 -0.94 39.62
C FMT K . 19.52 10.83 -21.54
C FMT K . 18.75 10.50 -21.59
O1 FMT K . 20.59 10.66 -20.99
O1 FMT K . 19.27 11.12 -20.68
O2 FMT K . 19.23 11.78 -22.38
O2 FMT K . 19.20 9.37 -22.05
H FMT K . 18.80 10.22 -21.35
H FMT K . 17.98 10.86 -22.02
HO2 FMT K . 20.01 12.32 -22.55
HO2 FMT K . 19.97 9.07 -21.55
C1 EDO L . -4.58 19.46 15.35
C1 EDO L . -4.52 19.88 15.47
O1 EDO L . -4.04 20.79 15.32
O1 EDO L . -4.15 21.15 14.92
C2 EDO L . -3.64 18.41 14.87
C2 EDO L . -4.05 18.67 14.72
O2 EDO L . -3.40 18.41 13.47
O2 EDO L . -2.65 18.54 14.73
H11 EDO L . -5.39 19.43 14.79
H11 EDO L . -5.49 19.84 15.52
H12 EDO L . -4.84 19.25 16.27
H12 EDO L . -4.17 19.82 16.39
HO1 EDO L . -4.63 21.33 15.59
HO1 EDO L . -4.45 21.77 15.41
H21 EDO L . -3.99 17.53 15.12
H21 EDO L . -4.36 18.74 13.80
H22 EDO L . -2.77 18.52 15.34
H22 EDO L . -4.45 17.87 15.13
HO2 EDO L . -3.84 19.04 13.12
HO2 EDO L . -2.36 18.64 15.52
C FMT M . -1.08 13.42 -0.60
O1 FMT M . -1.60 14.05 -1.48
O2 FMT M . -0.01 13.80 0.02
H FMT M . -1.47 12.59 -0.33
HO2 FMT M . 0.31 14.62 -0.32
C FMT N . 12.25 7.11 -33.87
O1 FMT N . 13.44 7.32 -33.79
O2 FMT N . 11.42 7.86 -34.51
H FMT N . 11.88 6.34 -33.43
HO2 FMT N . 11.87 8.60 -34.92
C FMT O . 23.11 3.60 -22.03
O1 FMT O . 23.32 2.60 -22.68
O2 FMT O . 21.96 3.92 -21.51
H FMT O . 23.83 4.22 -21.88
HO2 FMT O . 21.29 3.26 -21.72
C FMT P . 1.55 17.87 -11.48
O1 FMT P . 2.60 18.45 -11.68
O2 FMT P . 0.95 17.79 -10.34
H FMT P . 1.11 17.44 -12.22
HO2 FMT P . 1.49 18.20 -9.66
C FMT Q . -4.82 -24.22 -2.92
O1 FMT Q . -4.16 -24.54 -3.89
O2 FMT Q . -5.04 -24.99 -1.90
H FMT Q . -5.21 -23.34 -2.89
HO2 FMT Q . -4.64 -25.84 -2.01
C FMT R . -17.54 4.96 -8.81
O1 FMT R . -16.51 5.24 -9.38
O2 FMT R . -18.64 4.80 -9.44
H FMT R . -17.54 4.85 -7.86
HO2 FMT R . -18.51 4.95 -10.37
C FMT S . -15.10 -10.48 18.23
O1 FMT S . -14.74 -9.74 17.33
O2 FMT S . -14.64 -10.48 19.44
H FMT S . -15.79 -11.12 18.05
HO2 FMT S . -13.99 -9.79 19.56
C FMT T . 5.38 -19.04 8.90
O1 FMT T . 4.88 -18.22 9.65
O2 FMT T . 4.93 -20.25 8.69
H FMT T . 6.16 -18.80 8.41
HO2 FMT T . 4.14 -20.42 9.22
C1 EDO U . 3.99 -4.63 -27.27
O1 EDO U . 3.55 -3.47 -26.61
C2 EDO U . 3.11 -5.08 -28.37
O2 EDO U . 1.92 -5.70 -27.92
H11 EDO U . 4.07 -5.36 -26.61
H12 EDO U . 4.89 -4.46 -27.63
HO1 EDO U . 4.11 -3.26 -25.99
H21 EDO U . 3.59 -5.71 -28.93
H22 EDO U . 2.87 -4.30 -28.92
HO2 EDO U . 2.00 -5.91 -27.10
C FMT V . 23.26 14.73 -5.71
C FMT V . 24.37 15.36 -5.76
O1 FMT V . 23.07 13.85 -4.90
O1 FMT V . 24.29 14.64 -4.79
O2 FMT V . 22.39 15.67 -6.01
O2 FMT V . 23.38 16.04 -6.28
H FMT V . 24.08 14.75 -6.19
H FMT V . 25.22 15.45 -6.20
HO2 FMT V . 21.59 15.55 -5.52
HO2 FMT V . 22.53 15.86 -5.76
C FMT W . -11.38 -15.75 15.24
O1 FMT W . -11.02 -14.63 15.58
O2 FMT W . -12.57 -16.05 14.84
H FMT W . -10.74 -16.45 15.27
HO2 FMT W . -13.15 -15.28 14.83
C1 EDO X . 11.07 11.80 14.99
O1 EDO X . 12.28 12.25 15.55
C2 EDO X . 10.09 11.41 16.05
O2 EDO X . 10.54 10.35 16.84
H11 EDO X . 11.25 11.03 14.43
H12 EDO X . 10.68 12.51 14.45
HO1 EDO X . 12.80 12.47 14.91
H21 EDO X . 9.25 11.15 15.60
H22 EDO X . 9.91 12.18 16.62
HO2 EDO X . 11.31 10.10 16.59
C FMT Y . -16.35 -24.02 -8.36
O1 FMT Y . -17.18 -23.44 -9.04
O2 FMT Y . -16.59 -24.59 -7.22
H FMT Y . -15.45 -24.07 -8.68
HO2 FMT Y . -17.51 -24.56 -6.99
C FMT Z . -22.70 2.96 -0.10
C FMT Z . -22.50 3.48 0.49
O1 FMT Z . -21.83 2.21 0.28
O1 FMT Z . -22.92 2.51 -0.11
O2 FMT Z . -23.71 2.62 -0.85
O2 FMT Z . -21.40 3.53 1.19
H FMT Z . -22.64 3.89 0.15
H FMT Z . -22.96 4.31 0.40
HO2 FMT Z . -23.67 1.70 -1.06
HO2 FMT Z . -20.95 2.69 1.18
C FMT AA . -14.45 -2.25 30.92
O1 FMT AA . -14.69 -2.56 29.78
O2 FMT AA . -15.33 -2.14 31.87
H FMT AA . -13.54 -2.09 31.17
HO2 FMT AA . -16.20 -2.29 31.54
C1 EDO BA . -4.74 -27.62 11.82
O1 EDO BA . -3.72 -28.38 11.20
C2 EDO BA . -4.22 -26.54 12.69
O2 EDO BA . -2.96 -26.84 13.25
H11 EDO BA . -5.30 -28.22 12.35
H12 EDO BA . -5.30 -27.22 11.12
HO1 EDO BA . -4.06 -28.98 10.71
H21 EDO BA . -4.86 -26.37 13.42
H22 EDO BA . -4.14 -25.72 12.16
HO2 EDO BA . -2.38 -26.88 12.63
MG MG CA . 7.94 -4.16 -7.99
MG MG DA . -8.70 9.23 -7.18
MG MG EA . -0.50 -16.99 18.96
MG MG FA . 18.79 -5.90 -22.12
MG MG GA . 23.22 -3.36 -16.71
MG MG HA . 6.50 5.69 28.84
MG MG IA . -8.54 10.16 -15.05
MG MG JA . 1.49 -9.40 -4.93
#